data_6KNH
#
_entry.id   6KNH
#
_cell.length_a   175.291
_cell.length_b   79.585
_cell.length_c   111.656
_cell.angle_alpha   90.00
_cell.angle_beta   102.48
_cell.angle_gamma   90.00
#
_symmetry.space_group_name_H-M   'C 1 2 1'
#
loop_
_entity.id
_entity.type
_entity.pdbx_description
1 polymer 'Probable diaminopimelate decarboxylase protein'
2 non-polymer 'CITRIC ACID'
3 non-polymer 'PHOSPHATE ION'
4 water water
#
_entity_poly.entity_id   1
_entity_poly.type   'polypeptide(L)'
_entity_poly.pdbx_seq_one_letter_code
;MRIVQPVIEQLKAQSHPVCHYIYDLVGLEHHLQHITSSLPSNCQMYYAMKANSERTILDTISQYVEGFEVASQGEIAKGL
AFKPANHIIFGGPGKTDEELRYAVSEGVQRIHVESMHELQRLNAILEDEDKTQHILLRVNLAGPFPNATLHMAGRPTQFG
ISEDEVDDVIEAALVMPNIHLDGFHFHSISNNLDSNLHVDVVKLYFKKAKSWSEKHRFPLKHINLGGGIGVNYADLTSQF
EWDNFVENFKTLIVEQEMEDVTLNFECGRFIVAHIGYYVTEVLDIKKVHGAWYAILRGGTQQFRLPVSWQHNHPFEIYRY
KDNPYSFEKVSISRQDTTLVGQLCTPKDVFAREVQIDAISTGDVIVFKYAGAYGWSISHHDFLSHPHPEFIYLTQTKEDE
HHHHHH
;
_entity_poly.pdbx_strand_id   A,B,C
#
# COMPACT_ATOMS: atom_id res chain seq x y z
N MET A 1 37.28 -17.68 -5.58
CA MET A 1 37.54 -17.78 -7.06
C MET A 1 37.87 -19.18 -7.59
N ARG A 2 38.47 -20.04 -6.77
CA ARG A 2 38.81 -21.43 -7.16
C ARG A 2 37.66 -22.16 -7.85
N ILE A 3 36.44 -22.00 -7.33
CA ILE A 3 35.27 -22.72 -7.82
C ILE A 3 34.78 -22.21 -9.20
N VAL A 4 34.66 -20.90 -9.36
CA VAL A 4 34.13 -20.31 -10.60
C VAL A 4 35.15 -20.03 -11.71
N GLN A 5 36.44 -19.94 -11.35
CA GLN A 5 37.47 -19.55 -12.33
C GLN A 5 37.49 -20.43 -13.58
N PRO A 6 37.47 -21.77 -13.44
CA PRO A 6 37.50 -22.59 -14.65
C PRO A 6 36.28 -22.37 -15.56
N VAL A 7 35.12 -22.07 -14.98
CA VAL A 7 33.91 -21.78 -15.77
C VAL A 7 34.09 -20.47 -16.55
N ILE A 8 34.62 -19.44 -15.89
CA ILE A 8 34.80 -18.14 -16.52
C ILE A 8 35.82 -18.26 -17.67
N GLU A 9 36.92 -18.97 -17.40
CA GLU A 9 37.95 -19.22 -18.43
C GLU A 9 37.41 -19.91 -19.67
N GLN A 10 36.57 -20.92 -19.47
CA GLN A 10 35.92 -21.65 -20.58
C GLN A 10 35.02 -20.73 -21.41
N LEU A 11 34.21 -19.91 -20.73
CA LEU A 11 33.35 -18.94 -21.42
C LEU A 11 34.15 -17.94 -22.24
N LYS A 12 35.22 -17.41 -21.66
CA LYS A 12 36.10 -16.48 -22.38
C LYS A 12 36.79 -17.12 -23.59
N ALA A 13 37.31 -18.33 -23.40
CA ALA A 13 37.94 -19.09 -24.49
C ALA A 13 36.96 -19.42 -25.64
N GLN A 14 35.68 -19.62 -25.30
CA GLN A 14 34.62 -19.88 -26.29
C GLN A 14 33.95 -18.61 -26.87
N SER A 15 34.43 -17.42 -26.46
CA SER A 15 33.82 -16.13 -26.83
C SER A 15 32.32 -16.05 -26.51
N HIS A 16 31.92 -16.64 -25.38
CA HIS A 16 30.55 -16.53 -24.89
C HIS A 16 30.52 -15.37 -23.90
N PRO A 17 29.49 -14.51 -23.98
CA PRO A 17 29.40 -13.45 -22.99
C PRO A 17 29.18 -13.98 -21.56
N VAL A 18 29.73 -13.28 -20.58
CA VAL A 18 29.65 -13.69 -19.19
C VAL A 18 28.51 -12.94 -18.48
N CYS A 19 27.43 -13.65 -18.24
CA CYS A 19 26.32 -13.22 -17.39
C CYS A 19 25.58 -14.48 -16.92
N HIS A 20 26.01 -14.99 -15.77
CA HIS A 20 25.66 -16.34 -15.33
C HIS A 20 25.39 -16.41 -13.85
N TYR A 21 24.45 -17.28 -13.48
CA TYR A 21 24.43 -17.83 -12.12
C TYR A 21 25.20 -19.13 -12.14
N ILE A 22 26.11 -19.30 -11.18
CA ILE A 22 26.90 -20.53 -11.05
C ILE A 22 26.64 -21.08 -9.65
N TYR A 23 26.31 -22.38 -9.55
CA TYR A 23 26.06 -23.03 -8.27
C TYR A 23 26.96 -24.23 -8.05
N ASP A 24 27.53 -24.29 -6.85
CA ASP A 24 28.40 -25.40 -6.43
C ASP A 24 27.54 -26.47 -5.74
N LEU A 25 27.13 -27.46 -6.51
CA LEU A 25 26.27 -28.52 -5.96
C LEU A 25 27.01 -29.43 -5.01
N VAL A 26 28.32 -29.58 -5.20
CA VAL A 26 29.14 -30.44 -4.33
C VAL A 26 29.19 -29.83 -2.92
N GLY A 27 29.48 -28.54 -2.88
CA GLY A 27 29.40 -27.73 -1.65
C GLY A 27 28.03 -27.79 -0.99
N LEU A 28 26.98 -27.70 -1.81
CA LEU A 28 25.63 -27.79 -1.29
C LEU A 28 25.38 -29.14 -0.60
N GLU A 29 25.80 -30.22 -1.25
CA GLU A 29 25.65 -31.56 -0.69
C GLU A 29 26.38 -31.72 0.63
N HIS A 30 27.60 -31.21 0.72
CA HIS A 30 28.41 -31.32 1.95
C HIS A 30 27.79 -30.52 3.10
N HIS A 31 27.28 -29.33 2.79
CA HIS A 31 26.54 -28.50 3.75
C HIS A 31 25.30 -29.19 4.31
N LEU A 32 24.48 -29.73 3.41
CA LEU A 32 23.26 -30.44 3.77
C LEU A 32 23.53 -31.72 4.57
N GLN A 33 24.55 -32.45 4.14
CA GLN A 33 25.04 -33.63 4.86
C GLN A 33 25.32 -33.27 6.32
N HIS A 34 26.09 -32.19 6.50
CA HIS A 34 26.46 -31.75 7.83
C HIS A 34 25.26 -31.35 8.68
N ILE A 35 24.39 -30.51 8.12
CA ILE A 35 23.19 -30.04 8.82
C ILE A 35 22.27 -31.18 9.25
N THR A 36 21.91 -32.03 8.30
CA THR A 36 20.92 -33.08 8.54
C THR A 36 21.45 -34.17 9.48
N SER A 37 22.73 -34.53 9.36
CA SER A 37 23.30 -35.54 10.26
C SER A 37 23.52 -35.03 11.70
N SER A 38 23.67 -33.72 11.85
CA SER A 38 23.89 -33.11 13.18
C SER A 38 22.64 -33.04 14.06
N LEU A 39 21.45 -33.08 13.46
CA LEU A 39 20.21 -32.88 14.20
C LEU A 39 19.84 -34.09 15.06
N PRO A 40 19.18 -33.86 16.20
CA PRO A 40 18.69 -34.99 17.01
C PRO A 40 17.56 -35.74 16.32
N SER A 41 17.32 -36.97 16.74
CA SER A 41 16.39 -37.89 16.05
C SER A 41 14.95 -37.39 15.92
N ASN A 42 14.53 -36.52 16.85
CA ASN A 42 13.17 -35.95 16.81
C ASN A 42 13.05 -34.62 16.06
N CYS A 43 14.13 -34.16 15.41
CA CYS A 43 14.10 -32.90 14.66
C CYS A 43 14.50 -33.11 13.20
N GLN A 44 13.69 -32.55 12.29
CA GLN A 44 13.91 -32.69 10.83
C GLN A 44 14.13 -31.31 10.22
N MET A 45 14.91 -31.27 9.14
CA MET A 45 15.10 -30.05 8.37
C MET A 45 14.24 -30.09 7.11
N TYR A 46 13.45 -29.04 6.89
CA TYR A 46 12.72 -28.84 5.64
C TYR A 46 13.35 -27.63 4.96
N TYR A 47 13.41 -27.68 3.64
CA TYR A 47 13.94 -26.57 2.86
C TYR A 47 12.79 -25.67 2.45
N ALA A 48 12.91 -24.38 2.81
CA ALA A 48 11.95 -23.34 2.42
C ALA A 48 12.32 -22.87 1.02
N MET A 49 11.61 -23.39 0.02
CA MET A 49 12.07 -23.25 -1.36
C MET A 49 11.96 -21.84 -1.94
N LYS A 50 11.24 -20.93 -1.29
CA LYS A 50 11.18 -19.53 -1.75
C LYS A 50 12.57 -18.88 -1.93
N ALA A 51 13.54 -19.31 -1.13
CA ALA A 51 14.93 -18.88 -1.26
C ALA A 51 15.56 -19.18 -2.62
N ASN A 52 15.17 -20.30 -3.22
CA ASN A 52 15.69 -20.74 -4.51
C ASN A 52 14.93 -22.01 -4.89
N SER A 53 14.06 -21.91 -5.88
CA SER A 53 13.25 -23.05 -6.30
C SER A 53 13.61 -23.53 -7.71
N GLU A 54 14.84 -23.26 -8.14
CA GLU A 54 15.35 -23.81 -9.41
C GLU A 54 15.33 -25.33 -9.31
N ARG A 55 14.91 -25.99 -10.38
CA ARG A 55 14.65 -27.44 -10.31
C ARG A 55 15.90 -28.26 -9.97
N THR A 56 17.06 -27.86 -10.50
CA THR A 56 18.32 -28.55 -10.19
C THR A 56 18.68 -28.41 -8.70
N ILE A 57 18.41 -27.24 -8.13
CA ILE A 57 18.65 -27.01 -6.70
C ILE A 57 17.71 -27.88 -5.87
N LEU A 58 16.42 -27.91 -6.22
CA LEU A 58 15.45 -28.75 -5.51
C LEU A 58 15.80 -30.23 -5.58
N ASP A 59 16.20 -30.70 -6.75
CA ASP A 59 16.62 -32.09 -6.96
C ASP A 59 17.77 -32.47 -6.04
N THR A 60 18.80 -31.63 -6.01
CA THR A 60 19.96 -31.83 -5.14
C THR A 60 19.55 -31.85 -3.66
N ILE A 61 18.81 -30.83 -3.23
CA ILE A 61 18.35 -30.68 -1.85
C ILE A 61 17.46 -31.84 -1.40
N SER A 62 16.60 -32.34 -2.29
CA SER A 62 15.65 -33.41 -1.96
C SER A 62 16.30 -34.72 -1.48
N GLN A 63 17.56 -34.93 -1.87
CA GLN A 63 18.33 -36.11 -1.43
C GLN A 63 18.67 -36.14 0.06
N TYR A 64 18.64 -34.97 0.73
CA TYR A 64 19.11 -34.83 2.11
C TYR A 64 18.04 -34.39 3.12
N VAL A 65 17.20 -33.44 2.72
CA VAL A 65 16.19 -32.90 3.64
C VAL A 65 15.02 -33.86 3.81
N GLU A 66 14.28 -33.66 4.90
CA GLU A 66 13.07 -34.43 5.17
C GLU A 66 11.99 -34.07 4.14
N GLY A 67 11.94 -32.80 3.76
CA GLY A 67 10.91 -32.34 2.85
C GLY A 67 11.04 -30.88 2.49
N PHE A 68 10.01 -30.35 1.85
CA PHE A 68 9.96 -28.95 1.45
C PHE A 68 8.88 -28.20 2.20
N GLU A 69 9.20 -26.96 2.58
CA GLU A 69 8.18 -25.99 3.00
C GLU A 69 7.84 -25.17 1.76
N VAL A 70 6.53 -25.01 1.55
CA VAL A 70 5.99 -24.34 0.37
C VAL A 70 4.97 -23.31 0.79
N ALA A 71 4.74 -22.32 -0.07
CA ALA A 71 3.80 -21.25 0.25
C ALA A 71 2.87 -20.83 -0.90
N SER A 72 2.75 -21.68 -1.91
CA SER A 72 1.83 -21.43 -3.02
C SER A 72 1.55 -22.70 -3.79
N GLN A 73 0.54 -22.65 -4.66
CA GLN A 73 0.25 -23.80 -5.55
C GLN A 73 1.42 -24.13 -6.48
N GLY A 74 2.15 -23.12 -6.94
CA GLY A 74 3.34 -23.36 -7.78
C GLY A 74 4.45 -24.05 -7.04
N GLU A 75 4.67 -23.69 -5.78
CA GLU A 75 5.68 -24.35 -4.95
C GLU A 75 5.26 -25.77 -4.57
N ILE A 76 3.98 -26.01 -4.32
CA ILE A 76 3.48 -27.37 -4.11
C ILE A 76 3.82 -28.23 -5.33
N ALA A 77 3.48 -27.72 -6.51
CA ALA A 77 3.73 -28.46 -7.76
C ALA A 77 5.22 -28.76 -7.97
N LYS A 78 6.09 -27.77 -7.69
CA LYS A 78 7.53 -27.99 -7.75
C LYS A 78 7.99 -29.03 -6.73
N GLY A 79 7.51 -28.90 -5.50
CA GLY A 79 7.85 -29.83 -4.43
C GLY A 79 7.52 -31.27 -4.80
N LEU A 80 6.32 -31.46 -5.34
CA LEU A 80 5.83 -32.78 -5.73
C LEU A 80 6.64 -33.47 -6.82
N ALA A 81 7.35 -32.71 -7.65
CA ALA A 81 8.28 -33.29 -8.62
C ALA A 81 9.45 -34.03 -7.95
N PHE A 82 9.83 -33.63 -6.73
CA PHE A 82 10.98 -34.20 -6.02
C PHE A 82 10.71 -34.88 -4.66
N LYS A 83 9.53 -34.66 -4.08
CA LYS A 83 9.13 -35.31 -2.83
C LYS A 83 7.67 -35.74 -2.91
N PRO A 84 7.28 -36.76 -2.12
CA PRO A 84 5.86 -37.07 -2.04
C PRO A 84 5.12 -36.02 -1.21
N ALA A 85 3.82 -35.91 -1.43
CA ALA A 85 2.97 -34.93 -0.73
C ALA A 85 3.07 -35.01 0.79
N ASN A 86 3.21 -36.22 1.34
CA ASN A 86 3.34 -36.39 2.80
C ASN A 86 4.69 -35.98 3.41
N HIS A 87 5.58 -35.40 2.60
CA HIS A 87 6.76 -34.70 3.07
C HIS A 87 6.79 -33.23 2.60
N ILE A 88 5.62 -32.66 2.32
CA ILE A 88 5.49 -31.24 1.97
C ILE A 88 4.62 -30.56 3.03
N ILE A 89 5.10 -29.42 3.55
CA ILE A 89 4.37 -28.64 4.54
C ILE A 89 4.09 -27.26 3.93
N PHE A 90 2.88 -26.76 4.16
CA PHE A 90 2.31 -25.63 3.42
C PHE A 90 1.93 -24.49 4.37
N GLY A 91 2.61 -23.35 4.24
CA GLY A 91 2.35 -22.15 5.04
C GLY A 91 2.02 -20.93 4.18
N GLY A 92 1.64 -19.83 4.83
CA GLY A 92 1.44 -18.55 4.17
C GLY A 92 0.16 -17.88 4.61
N PRO A 93 0.12 -16.53 4.57
CA PRO A 93 -0.99 -15.79 5.16
C PRO A 93 -2.24 -15.67 4.29
N GLY A 94 -2.16 -16.07 3.02
CA GLY A 94 -3.29 -15.95 2.10
C GLY A 94 -3.46 -17.16 1.22
N LYS A 95 -3.73 -18.31 1.85
CA LYS A 95 -3.97 -19.52 1.08
C LYS A 95 -5.36 -19.45 0.46
N THR A 96 -5.42 -19.54 -0.87
CA THR A 96 -6.69 -19.45 -1.58
C THR A 96 -7.44 -20.78 -1.42
N ASP A 97 -8.76 -20.74 -1.61
CA ASP A 97 -9.55 -21.98 -1.64
C ASP A 97 -8.99 -22.99 -2.65
N GLU A 98 -8.53 -22.49 -3.79
CA GLU A 98 -7.99 -23.33 -4.84
C GLU A 98 -6.71 -24.03 -4.35
N GLU A 99 -5.86 -23.28 -3.66
CA GLU A 99 -4.64 -23.84 -3.06
C GLU A 99 -4.91 -24.84 -1.96
N LEU A 100 -5.85 -24.51 -1.08
CA LEU A 100 -6.26 -25.41 0.00
C LEU A 100 -6.82 -26.71 -0.56
N ARG A 101 -7.69 -26.60 -1.57
CA ARG A 101 -8.27 -27.79 -2.21
C ARG A 101 -7.20 -28.67 -2.88
N TYR A 102 -6.25 -28.03 -3.56
CA TYR A 102 -5.10 -28.72 -4.16
C TYR A 102 -4.26 -29.47 -3.11
N ALA A 103 -3.87 -28.76 -2.04
CA ALA A 103 -3.10 -29.34 -0.94
C ALA A 103 -3.80 -30.55 -0.30
N VAL A 104 -5.10 -30.41 -0.05
CA VAL A 104 -5.90 -31.47 0.54
C VAL A 104 -5.99 -32.68 -0.42
N SER A 105 -6.30 -32.40 -1.68
CA SER A 105 -6.37 -33.41 -2.74
C SER A 105 -5.09 -34.25 -2.89
N GLU A 106 -3.94 -33.56 -2.86
CA GLU A 106 -2.63 -34.22 -2.92
C GLU A 106 -2.22 -34.89 -1.61
N GLY A 107 -2.77 -34.46 -0.48
CA GLY A 107 -2.48 -35.05 0.82
C GLY A 107 -1.19 -34.52 1.42
N VAL A 108 -1.04 -33.20 1.43
CA VAL A 108 0.16 -32.60 2.03
C VAL A 108 0.25 -32.95 3.51
N GLN A 109 1.48 -32.99 4.02
CA GLN A 109 1.76 -33.43 5.39
C GLN A 109 1.06 -32.57 6.44
N ARG A 110 1.29 -31.26 6.36
CA ARG A 110 0.66 -30.30 7.26
C ARG A 110 0.32 -29.00 6.53
N ILE A 111 -0.76 -28.37 6.97
CA ILE A 111 -1.07 -26.99 6.58
C ILE A 111 -0.89 -26.14 7.83
N HIS A 112 -0.08 -25.08 7.72
CA HIS A 112 0.20 -24.17 8.82
C HIS A 112 -0.80 -23.01 8.77
N VAL A 113 -1.86 -23.14 9.55
CA VAL A 113 -3.01 -22.24 9.48
C VAL A 113 -2.69 -20.93 10.20
N GLU A 114 -2.99 -19.80 9.55
CA GLU A 114 -2.60 -18.48 10.04
C GLU A 114 -3.76 -17.60 10.53
N SER A 115 -5.01 -18.09 10.49
CA SER A 115 -6.14 -17.31 11.01
C SER A 115 -7.37 -18.16 11.23
N MET A 116 -8.31 -17.61 12.00
CA MET A 116 -9.62 -18.26 12.19
C MET A 116 -10.35 -18.44 10.86
N HIS A 117 -10.30 -17.42 10.01
CA HIS A 117 -11.03 -17.48 8.74
C HIS A 117 -10.45 -18.55 7.79
N GLU A 118 -9.13 -18.67 7.76
CA GLU A 118 -8.49 -19.74 6.99
C GLU A 118 -8.88 -21.10 7.54
N LEU A 119 -8.91 -21.23 8.87
CA LEU A 119 -9.32 -22.49 9.50
C LEU A 119 -10.74 -22.86 9.03
N GLN A 120 -11.65 -21.89 9.03
CA GLN A 120 -13.02 -22.13 8.58
C GLN A 120 -13.13 -22.48 7.10
N ARG A 121 -12.35 -21.80 6.26
CA ARG A 121 -12.34 -22.12 4.82
C ARG A 121 -11.76 -23.51 4.56
N LEU A 122 -10.67 -23.86 5.26
CA LEU A 122 -10.08 -25.20 5.15
C LEU A 122 -11.07 -26.27 5.58
N ASN A 123 -11.72 -26.03 6.71
CA ASN A 123 -12.71 -26.97 7.24
C ASN A 123 -13.89 -27.18 6.28
N ALA A 124 -14.37 -26.11 5.65
CA ALA A 124 -15.46 -26.21 4.66
C ALA A 124 -15.08 -27.08 3.46
N ILE A 125 -13.83 -26.95 3.01
CA ILE A 125 -13.28 -27.80 1.95
C ILE A 125 -13.18 -29.26 2.40
N LEU A 126 -12.70 -29.49 3.63
CA LEU A 126 -12.55 -30.85 4.14
C LEU A 126 -13.90 -31.56 4.30
N GLU A 127 -14.89 -30.84 4.83
CA GLU A 127 -16.26 -31.35 4.93
C GLU A 127 -16.87 -31.66 3.55
N ASP A 128 -16.64 -30.77 2.58
CA ASP A 128 -17.05 -30.99 1.19
C ASP A 128 -16.39 -32.23 0.54
N GLU A 129 -15.09 -32.41 0.81
CA GLU A 129 -14.30 -33.51 0.23
C GLU A 129 -14.37 -34.83 1.01
N ASP A 130 -14.93 -34.82 2.22
CA ASP A 130 -14.92 -35.97 3.16
C ASP A 130 -13.49 -36.41 3.50
N LYS A 131 -12.63 -35.43 3.76
CA LYS A 131 -11.23 -35.67 4.05
C LYS A 131 -10.84 -34.99 5.35
N THR A 132 -9.69 -35.38 5.89
CA THR A 132 -9.15 -34.76 7.10
C THR A 132 -7.78 -34.18 6.79
N GLN A 133 -7.30 -33.31 7.67
CA GLN A 133 -6.00 -32.64 7.50
C GLN A 133 -5.33 -32.37 8.83
N HIS A 134 -4.06 -32.78 8.93
CA HIS A 134 -3.22 -32.40 10.06
C HIS A 134 -2.77 -30.95 9.85
N ILE A 135 -2.89 -30.14 10.91
CA ILE A 135 -2.48 -28.73 10.86
C ILE A 135 -1.59 -28.37 12.02
N LEU A 136 -0.89 -27.25 11.85
CA LEU A 136 -0.35 -26.50 12.96
C LEU A 136 -1.05 -25.14 12.92
N LEU A 137 -1.13 -24.49 14.08
CA LEU A 137 -1.52 -23.08 14.13
C LEU A 137 -0.26 -22.25 14.19
N ARG A 138 -0.12 -21.34 13.23
CA ARG A 138 0.99 -20.40 13.24
C ARG A 138 0.67 -19.27 14.20
N VAL A 139 1.59 -19.03 15.12
CA VAL A 139 1.42 -18.06 16.20
C VAL A 139 2.37 -16.89 16.01
N ASN A 140 1.83 -15.69 16.19
CA ASN A 140 2.60 -14.46 16.27
C ASN A 140 2.73 -14.03 17.73
N LEU A 141 3.86 -14.37 18.34
CA LEU A 141 4.09 -14.08 19.77
C LEU A 141 4.29 -12.59 20.02
N ALA A 142 3.70 -12.10 21.12
CA ALA A 142 3.98 -10.76 21.64
C ALA A 142 5.30 -10.79 22.39
N ARG A 155 6.28 -7.71 17.25
CA ARG A 155 5.94 -6.61 16.36
C ARG A 155 4.77 -6.98 15.42
N PRO A 156 3.94 -5.97 15.03
CA PRO A 156 2.85 -6.31 14.13
C PRO A 156 3.37 -6.65 12.74
N THR A 157 3.14 -7.89 12.33
CA THR A 157 3.23 -8.30 10.94
C THR A 157 1.90 -8.95 10.58
N GLN A 158 1.72 -9.23 9.30
CA GLN A 158 0.53 -9.92 8.80
C GLN A 158 0.50 -11.44 9.09
N PHE A 159 1.53 -11.99 9.70
CA PHE A 159 1.70 -13.44 9.75
C PHE A 159 1.16 -14.05 11.02
N GLY A 160 0.42 -15.15 10.86
CA GLY A 160 -0.01 -15.95 11.99
C GLY A 160 -1.16 -15.34 12.76
N ILE A 161 -1.44 -15.98 13.88
CA ILE A 161 -2.52 -15.61 14.79
C ILE A 161 -1.90 -14.84 15.93
N SER A 162 -2.42 -13.65 16.21
CA SER A 162 -1.96 -12.84 17.33
C SER A 162 -2.06 -13.66 18.62
N GLU A 163 -1.03 -13.60 19.45
CA GLU A 163 -0.93 -14.44 20.65
C GLU A 163 -2.23 -14.48 21.47
N ASP A 164 -2.85 -13.32 21.70
CA ASP A 164 -4.07 -13.24 22.51
C ASP A 164 -5.31 -13.87 21.84
N GLU A 165 -5.27 -14.07 20.53
CA GLU A 165 -6.33 -14.77 19.78
C GLU A 165 -6.13 -16.29 19.64
N VAL A 166 -4.97 -16.81 20.06
CA VAL A 166 -4.64 -18.22 19.82
C VAL A 166 -5.60 -19.17 20.57
N ASP A 167 -5.98 -18.81 21.79
CA ASP A 167 -6.91 -19.65 22.60
C ASP A 167 -8.20 -19.95 21.84
N ASP A 168 -8.82 -18.93 21.25
CA ASP A 168 -10.06 -19.09 20.49
C ASP A 168 -9.91 -19.99 19.26
N VAL A 169 -8.77 -19.89 18.57
CA VAL A 169 -8.56 -20.69 17.36
C VAL A 169 -8.26 -22.15 17.71
N ILE A 170 -7.50 -22.38 18.80
CA ILE A 170 -7.28 -23.74 19.31
C ILE A 170 -8.62 -24.43 19.58
N GLU A 171 -9.51 -23.76 20.32
CA GLU A 171 -10.82 -24.32 20.68
C GLU A 171 -11.70 -24.59 19.47
N ALA A 172 -11.67 -23.67 18.50
CA ALA A 172 -12.36 -23.90 17.23
C ALA A 172 -11.79 -25.12 16.50
N ALA A 173 -10.47 -25.25 16.45
CA ALA A 173 -9.79 -26.37 15.78
C ALA A 173 -10.10 -27.72 16.41
N LEU A 174 -10.08 -27.77 17.75
CA LEU A 174 -10.33 -29.03 18.48
C LEU A 174 -11.76 -29.55 18.32
N VAL A 175 -12.70 -28.65 18.14
CA VAL A 175 -14.11 -29.02 17.93
C VAL A 175 -14.40 -29.50 16.50
N MET A 176 -13.56 -29.13 15.53
CA MET A 176 -13.74 -29.56 14.13
C MET A 176 -13.24 -30.99 13.92
N PRO A 177 -14.16 -31.96 13.68
CA PRO A 177 -13.67 -33.35 13.54
C PRO A 177 -12.75 -33.63 12.34
N ASN A 178 -12.84 -32.82 11.29
CA ASN A 178 -12.01 -33.01 10.09
C ASN A 178 -10.59 -32.42 10.23
N ILE A 179 -10.34 -31.67 11.30
CA ILE A 179 -9.04 -31.07 11.59
C ILE A 179 -8.34 -31.91 12.64
N HIS A 180 -7.07 -32.24 12.40
CA HIS A 180 -6.20 -32.81 13.42
C HIS A 180 -5.16 -31.77 13.81
N LEU A 181 -5.29 -31.20 15.01
CA LEU A 181 -4.33 -30.20 15.50
C LEU A 181 -3.10 -30.87 16.10
N ASP A 182 -1.96 -30.82 15.38
CA ASP A 182 -0.70 -31.42 15.84
C ASP A 182 0.07 -30.54 16.82
N GLY A 183 -0.11 -29.22 16.74
CA GLY A 183 0.65 -28.30 17.57
C GLY A 183 0.80 -26.95 16.91
N PHE A 184 1.99 -26.35 17.06
CA PHE A 184 2.19 -24.93 16.75
C PHE A 184 3.35 -24.69 15.80
N HIS A 185 3.27 -23.55 15.12
CA HIS A 185 4.29 -23.11 14.18
C HIS A 185 4.71 -21.70 14.61
N PHE A 186 6.01 -21.49 14.80
CA PHE A 186 6.56 -20.19 15.17
C PHE A 186 7.61 -19.81 14.14
N HIS A 187 7.45 -18.64 13.53
CA HIS A 187 8.47 -18.09 12.62
C HIS A 187 8.43 -16.57 12.71
N SER A 188 9.06 -16.06 13.75
CA SER A 188 9.04 -14.64 14.10
C SER A 188 10.38 -13.93 13.91
N ILE A 189 11.48 -14.68 13.78
CA ILE A 189 12.83 -14.10 13.70
C ILE A 189 13.35 -14.21 12.28
N SER A 190 14.16 -13.22 11.89
CA SER A 190 14.64 -13.09 10.53
C SER A 190 16.14 -12.76 10.53
N ASN A 191 16.90 -13.50 9.71
CA ASN A 191 18.35 -13.34 9.56
C ASN A 191 19.13 -13.18 10.89
N ASN A 192 18.89 -14.09 11.83
CA ASN A 192 19.61 -14.09 13.11
C ASN A 192 20.96 -14.77 12.96
N LEU A 193 22.03 -14.03 13.26
CA LEU A 193 23.39 -14.58 13.23
C LEU A 193 23.93 -15.06 14.60
N ASP A 194 23.13 -14.93 15.65
CA ASP A 194 23.54 -15.24 17.03
C ASP A 194 22.95 -16.58 17.48
N SER A 195 23.79 -17.61 17.54
CA SER A 195 23.37 -18.99 17.87
C SER A 195 22.76 -19.15 19.28
N ASN A 196 23.30 -18.44 20.25
CA ASN A 196 22.80 -18.51 21.63
C ASN A 196 21.44 -17.83 21.80
N LEU A 197 21.25 -16.69 21.14
CA LEU A 197 19.95 -16.04 21.05
C LEU A 197 18.91 -16.96 20.40
N HIS A 198 19.33 -17.68 19.36
CA HIS A 198 18.42 -18.60 18.67
C HIS A 198 17.93 -19.73 19.59
N VAL A 199 18.82 -20.25 20.45
CA VAL A 199 18.46 -21.26 21.44
C VAL A 199 17.43 -20.70 22.43
N ASP A 200 17.64 -19.47 22.90
CA ASP A 200 16.69 -18.80 23.81
C ASP A 200 15.31 -18.57 23.18
N VAL A 201 15.27 -18.29 21.87
CA VAL A 201 13.99 -18.16 21.16
C VAL A 201 13.26 -19.51 21.10
N VAL A 202 13.98 -20.59 20.78
CA VAL A 202 13.39 -21.95 20.74
C VAL A 202 12.87 -22.35 22.14
N LYS A 203 13.58 -21.95 23.18
CA LYS A 203 13.15 -22.13 24.57
C LYS A 203 11.78 -21.50 24.78
N LEU A 204 11.65 -20.24 24.36
CA LEU A 204 10.37 -19.54 24.42
C LEU A 204 9.27 -20.28 23.65
N TYR A 205 9.58 -20.76 22.44
CA TYR A 205 8.60 -21.54 21.66
C TYR A 205 8.13 -22.78 22.41
N PHE A 206 9.08 -23.53 22.97
CA PHE A 206 8.77 -24.73 23.75
C PHE A 206 7.79 -24.44 24.91
N LYS A 207 8.07 -23.40 25.68
CA LYS A 207 7.24 -23.04 26.84
C LYS A 207 5.83 -22.60 26.44
N LYS A 208 5.72 -21.83 25.36
CA LYS A 208 4.42 -21.38 24.86
C LYS A 208 3.57 -22.54 24.35
N ALA A 209 4.18 -23.42 23.56
CA ALA A 209 3.49 -24.60 23.03
C ALA A 209 2.99 -25.52 24.15
N LYS A 210 3.84 -25.77 25.14
CA LYS A 210 3.47 -26.61 26.30
C LYS A 210 2.33 -25.98 27.12
N SER A 211 2.37 -24.66 27.33
CA SER A 211 1.31 -23.95 28.09
C SER A 211 -0.05 -24.06 27.42
N TRP A 212 -0.09 -23.90 26.09
CA TRP A 212 -1.34 -24.04 25.34
C TRP A 212 -1.84 -25.49 25.32
N SER A 213 -0.92 -26.44 25.14
CA SER A 213 -1.23 -27.87 25.16
C SER A 213 -1.88 -28.31 26.48
N GLU A 214 -1.28 -27.88 27.59
CA GLU A 214 -1.79 -28.18 28.94
C GLU A 214 -3.09 -27.44 29.26
N LYS A 215 -3.16 -26.16 28.91
CA LYS A 215 -4.36 -25.35 29.14
C LYS A 215 -5.58 -25.89 28.38
N HIS A 216 -5.37 -26.31 27.13
CA HIS A 216 -6.46 -26.76 26.26
C HIS A 216 -6.61 -28.29 26.19
N ARG A 217 -5.76 -29.01 26.91
CA ARG A 217 -5.89 -30.46 27.13
C ARG A 217 -5.93 -31.26 25.83
N PHE A 218 -4.92 -31.05 24.99
CA PHE A 218 -4.70 -31.85 23.79
C PHE A 218 -3.22 -32.21 23.71
N PRO A 219 -2.88 -33.36 23.10
CA PRO A 219 -1.46 -33.76 23.08
C PRO A 219 -0.65 -32.92 22.10
N LEU A 220 0.47 -32.37 22.58
CA LEU A 220 1.41 -31.64 21.73
C LEU A 220 2.24 -32.65 20.94
N LYS A 221 1.88 -32.87 19.68
CA LYS A 221 2.58 -33.83 18.82
C LYS A 221 3.80 -33.22 18.13
N HIS A 222 3.68 -31.95 17.70
CA HIS A 222 4.69 -31.35 16.84
C HIS A 222 4.86 -29.84 17.02
N ILE A 223 6.09 -29.35 16.91
CA ILE A 223 6.36 -27.92 16.80
C ILE A 223 7.22 -27.61 15.58
N ASN A 224 6.73 -26.70 14.74
CA ASN A 224 7.54 -26.12 13.67
C ASN A 224 8.20 -24.89 14.27
N LEU A 225 9.53 -24.96 14.40
CA LEU A 225 10.34 -23.89 14.97
C LEU A 225 10.75 -22.80 13.97
N GLY A 226 10.30 -22.91 12.73
CA GLY A 226 10.57 -21.88 11.72
C GLY A 226 11.98 -21.90 11.13
N GLY A 227 12.31 -20.84 10.43
CA GLY A 227 13.63 -20.57 9.91
C GLY A 227 14.25 -19.36 10.57
N GLY A 228 14.78 -18.44 9.77
CA GLY A 228 15.40 -17.22 10.28
C GLY A 228 16.85 -17.41 10.74
N ILE A 229 17.47 -18.53 10.37
CA ILE A 229 18.90 -18.70 10.58
C ILE A 229 19.63 -17.85 9.56
N GLY A 230 20.46 -16.94 10.05
CA GLY A 230 21.00 -15.88 9.24
C GLY A 230 22.23 -16.21 8.41
N VAL A 231 22.51 -15.32 7.47
CA VAL A 231 23.72 -15.34 6.66
C VAL A 231 24.33 -13.94 6.72
N ASN A 232 25.65 -13.88 6.85
CA ASN A 232 26.37 -12.62 6.97
C ASN A 232 26.93 -12.21 5.62
N TYR A 233 26.36 -11.17 5.04
CA TYR A 233 26.83 -10.61 3.76
C TYR A 233 27.90 -9.51 3.92
N ALA A 234 27.99 -8.91 5.11
CA ALA A 234 28.97 -7.84 5.37
C ALA A 234 30.36 -8.39 5.68
N ASP A 235 30.40 -9.45 6.49
CA ASP A 235 31.63 -10.15 6.86
C ASP A 235 31.44 -11.65 6.61
N LEU A 236 31.96 -12.11 5.48
CA LEU A 236 31.72 -13.48 5.01
C LEU A 236 32.34 -14.56 5.92
N THR A 237 33.38 -14.20 6.68
CA THR A 237 34.00 -15.13 7.63
C THR A 237 33.18 -15.38 8.90
N SER A 238 32.22 -14.49 9.20
CA SER A 238 31.46 -14.53 10.45
C SER A 238 30.02 -15.01 10.24
N GLN A 239 29.89 -16.30 9.93
CA GLN A 239 28.58 -16.93 9.70
C GLN A 239 27.98 -17.51 10.98
N PHE A 240 26.74 -18.01 10.86
CA PHE A 240 26.01 -18.62 11.98
C PHE A 240 26.75 -19.86 12.51
N GLU A 241 26.90 -19.93 13.82
CA GLU A 241 27.61 -21.02 14.49
C GLU A 241 26.66 -22.19 14.65
N TRP A 242 26.53 -22.99 13.59
CA TRP A 242 25.54 -24.07 13.57
C TRP A 242 25.84 -25.18 14.58
N ASP A 243 27.09 -25.62 14.67
CA ASP A 243 27.46 -26.70 15.61
C ASP A 243 27.20 -26.28 17.07
N ASN A 244 27.53 -25.03 17.39
CA ASN A 244 27.24 -24.46 18.70
C ASN A 244 25.74 -24.43 18.98
N PHE A 245 24.96 -24.03 17.99
CA PHE A 245 23.50 -24.03 18.10
C PHE A 245 22.95 -25.42 18.37
N VAL A 246 23.35 -26.40 17.56
CA VAL A 246 22.84 -27.77 17.67
C VAL A 246 23.16 -28.42 19.02
N GLU A 247 24.41 -28.25 19.48
CA GLU A 247 24.82 -28.76 20.81
C GLU A 247 23.89 -28.27 21.93
N ASN A 248 23.67 -26.97 21.98
CA ASN A 248 22.80 -26.34 22.99
C ASN A 248 21.31 -26.60 22.77
N PHE A 249 20.90 -26.70 21.51
CA PHE A 249 19.53 -27.13 21.13
C PHE A 249 19.22 -28.53 21.64
N LYS A 250 20.15 -29.47 21.46
CA LYS A 250 20.01 -30.83 21.98
C LYS A 250 19.87 -30.86 23.51
N THR A 251 20.70 -30.08 24.19
CA THR A 251 20.62 -29.92 25.65
C THR A 251 19.26 -29.33 26.08
N LEU A 252 18.79 -28.34 25.32
CA LEU A 252 17.50 -27.70 25.59
C LEU A 252 16.33 -28.68 25.48
N ILE A 253 16.35 -29.55 24.47
CA ILE A 253 15.30 -30.56 24.26
C ILE A 253 15.15 -31.47 25.49
N VAL A 254 16.28 -31.93 26.03
CA VAL A 254 16.31 -32.78 27.23
C VAL A 254 15.81 -31.97 28.43
N GLU A 255 16.41 -30.79 28.63
CA GLU A 255 16.06 -29.86 29.70
C GLU A 255 14.56 -29.55 29.77
N GLN A 256 13.95 -29.27 28.62
CA GLN A 256 12.52 -28.94 28.53
C GLN A 256 11.59 -30.14 28.32
N GLU A 257 12.14 -31.36 28.35
CA GLU A 257 11.37 -32.60 28.18
C GLU A 257 10.58 -32.66 26.86
N MET A 258 11.26 -32.33 25.75
CA MET A 258 10.63 -32.31 24.42
C MET A 258 11.06 -33.49 23.55
N GLU A 259 11.54 -34.57 24.16
CA GLU A 259 12.10 -35.70 23.40
C GLU A 259 11.03 -36.49 22.65
N ASP A 260 9.80 -36.48 23.16
CA ASP A 260 8.66 -37.16 22.52
C ASP A 260 7.80 -36.23 21.64
N VAL A 261 8.25 -34.99 21.45
CA VAL A 261 7.60 -34.05 20.52
C VAL A 261 8.46 -33.99 19.28
N THR A 262 7.87 -34.19 18.11
CA THR A 262 8.63 -34.05 16.85
C THR A 262 8.75 -32.55 16.53
N LEU A 263 9.88 -32.20 15.92
CA LEU A 263 10.20 -30.80 15.64
C LEU A 263 10.67 -30.69 14.21
N ASN A 264 10.47 -29.53 13.59
CA ASN A 264 11.15 -29.22 12.33
C ASN A 264 11.62 -27.79 12.27
N PHE A 265 12.70 -27.59 11.51
CA PHE A 265 13.06 -26.27 11.01
C PHE A 265 12.62 -26.16 9.54
N GLU A 266 12.51 -24.93 9.07
CA GLU A 266 12.16 -24.64 7.68
C GLU A 266 13.08 -23.51 7.20
N CYS A 267 14.29 -23.88 6.80
CA CYS A 267 15.33 -22.92 6.43
C CYS A 267 15.48 -22.80 4.91
N GLY A 268 15.72 -21.57 4.45
CA GLY A 268 15.99 -21.31 3.04
C GLY A 268 17.39 -20.74 2.89
N ARG A 269 17.56 -19.51 3.40
CA ARG A 269 18.76 -18.72 3.19
C ARG A 269 20.03 -19.48 3.58
N PHE A 270 20.00 -20.04 4.79
CA PHE A 270 21.17 -20.70 5.37
C PHE A 270 21.61 -21.92 4.55
N ILE A 271 20.66 -22.57 3.87
CA ILE A 271 20.97 -23.78 3.12
C ILE A 271 21.66 -23.50 1.78
N VAL A 272 21.26 -22.44 1.08
CA VAL A 272 21.73 -22.22 -0.30
C VAL A 272 22.57 -20.95 -0.56
N ALA A 273 22.63 -20.00 0.37
CA ALA A 273 23.27 -18.70 0.09
C ALA A 273 24.72 -18.81 -0.41
N HIS A 274 25.55 -19.52 0.34
CA HIS A 274 27.00 -19.50 0.11
C HIS A 274 27.46 -20.27 -1.12
N ILE A 275 26.60 -21.12 -1.68
CA ILE A 275 26.97 -21.95 -2.84
C ILE A 275 26.56 -21.40 -4.20
N GLY A 276 26.01 -20.18 -4.22
CA GLY A 276 25.63 -19.50 -5.45
C GLY A 276 26.51 -18.28 -5.73
N TYR A 277 26.74 -18.03 -7.01
CA TYR A 277 27.52 -16.89 -7.49
C TYR A 277 26.77 -16.26 -8.65
N TYR A 278 26.75 -14.93 -8.72
CA TYR A 278 26.26 -14.19 -9.88
C TYR A 278 27.47 -13.54 -10.52
N VAL A 279 27.76 -13.92 -11.77
CA VAL A 279 29.00 -13.58 -12.46
CA VAL A 279 29.00 -13.49 -12.42
C VAL A 279 28.71 -12.80 -13.75
N THR A 280 29.38 -11.66 -13.92
CA THR A 280 29.08 -10.77 -15.03
C THR A 280 30.28 -9.95 -15.50
N GLU A 281 30.36 -9.73 -16.81
CA GLU A 281 31.48 -9.00 -17.41
C GLU A 281 31.26 -7.49 -17.35
N VAL A 282 32.38 -6.75 -17.28
CA VAL A 282 32.32 -5.28 -17.30
C VAL A 282 32.18 -4.79 -18.75
N LEU A 283 31.09 -4.07 -19.02
CA LEU A 283 30.82 -3.50 -20.35
C LEU A 283 31.39 -2.09 -20.55
N ASP A 284 31.43 -1.29 -19.48
CA ASP A 284 31.89 0.10 -19.58
C ASP A 284 32.41 0.59 -18.24
N ILE A 285 33.34 1.54 -18.28
CA ILE A 285 33.83 2.23 -17.09
C ILE A 285 33.87 3.71 -17.45
N LYS A 286 33.23 4.55 -16.64
CA LYS A 286 33.08 5.98 -16.91
C LYS A 286 33.11 6.81 -15.64
N LYS A 287 33.51 8.07 -15.80
CA LYS A 287 33.49 9.04 -14.71
C LYS A 287 32.42 10.07 -15.03
N VAL A 288 31.51 10.29 -14.08
CA VAL A 288 30.41 11.23 -14.24
C VAL A 288 30.37 12.17 -13.03
N HIS A 289 30.58 13.46 -13.26
CA HIS A 289 30.61 14.48 -12.21
C HIS A 289 31.45 14.04 -11.01
N GLY A 290 32.65 13.55 -11.31
CA GLY A 290 33.64 13.17 -10.30
C GLY A 290 33.59 11.73 -9.80
N ALA A 291 32.54 10.97 -10.16
CA ALA A 291 32.31 9.63 -9.58
C ALA A 291 32.47 8.55 -10.65
N TRP A 292 33.15 7.47 -10.29
CA TRP A 292 33.45 6.37 -11.20
C TRP A 292 32.34 5.30 -11.13
N TYR A 293 31.95 4.81 -12.30
CA TYR A 293 30.96 3.77 -12.46
C TYR A 293 31.52 2.68 -13.34
N ALA A 294 31.24 1.43 -12.98
CA ALA A 294 31.47 0.29 -13.86
C ALA A 294 30.10 -0.29 -14.18
N ILE A 295 29.80 -0.39 -15.48
CA ILE A 295 28.52 -0.89 -15.99
C ILE A 295 28.74 -2.35 -16.34
N LEU A 296 27.93 -3.23 -15.74
CA LEU A 296 28.05 -4.67 -15.88
C LEU A 296 26.93 -5.23 -16.76
N ARG A 297 27.21 -6.38 -17.37
CA ARG A 297 26.19 -7.13 -18.10
C ARG A 297 25.15 -7.65 -17.09
N GLY A 298 23.89 -7.69 -17.48
CA GLY A 298 22.83 -8.08 -16.56
C GLY A 298 22.34 -6.91 -15.74
N GLY A 299 22.04 -7.17 -14.48
CA GLY A 299 21.50 -6.12 -13.62
C GLY A 299 20.80 -6.60 -12.39
N THR A 300 20.33 -5.64 -11.60
CA THR A 300 19.61 -5.94 -10.39
C THR A 300 18.20 -6.50 -10.64
N GLN A 301 17.75 -6.53 -11.90
CA GLN A 301 16.53 -7.29 -12.25
C GLN A 301 16.82 -8.79 -12.45
N GLN A 302 18.10 -9.17 -12.47
CA GLN A 302 18.52 -10.57 -12.37
C GLN A 302 19.02 -10.95 -10.98
N PHE A 303 19.54 -9.97 -10.24
CA PHE A 303 20.11 -10.19 -8.90
C PHE A 303 19.73 -8.99 -8.04
N ARG A 304 18.50 -9.01 -7.50
CA ARG A 304 17.92 -7.82 -6.83
C ARG A 304 18.34 -7.69 -5.36
N LEU A 305 18.98 -8.72 -4.82
CA LEU A 305 19.36 -8.78 -3.41
C LEU A 305 20.08 -7.52 -2.88
N PRO A 306 21.12 -7.01 -3.60
CA PRO A 306 21.77 -5.78 -3.10
C PRO A 306 20.83 -4.57 -2.96
N VAL A 307 19.83 -4.47 -3.83
CA VAL A 307 18.91 -3.33 -3.83
C VAL A 307 17.86 -3.49 -2.74
N SER A 308 17.28 -4.68 -2.67
CA SER A 308 16.26 -4.98 -1.65
C SER A 308 16.80 -4.77 -0.24
N TRP A 309 18.04 -5.20 -0.02
CA TRP A 309 18.70 -5.08 1.29
C TRP A 309 19.54 -3.81 1.47
N GLN A 310 19.67 -3.02 0.40
CA GLN A 310 20.36 -1.73 0.42
C GLN A 310 21.76 -1.87 1.01
N HIS A 311 22.53 -2.80 0.44
CA HIS A 311 23.91 -3.01 0.86
C HIS A 311 24.83 -3.15 -0.33
N ASN A 312 26.13 -3.09 -0.06
CA ASN A 312 27.15 -3.39 -1.06
C ASN A 312 27.39 -4.89 -1.04
N HIS A 313 27.05 -5.57 -2.14
CA HIS A 313 27.17 -7.03 -2.14
C HIS A 313 28.63 -7.45 -2.28
N PRO A 314 29.07 -8.49 -1.53
CA PRO A 314 30.45 -8.96 -1.66
C PRO A 314 30.78 -9.48 -3.05
N PHE A 315 31.97 -9.16 -3.52
CA PHE A 315 32.41 -9.60 -4.83
C PHE A 315 33.93 -9.75 -4.92
N GLU A 316 34.35 -10.42 -5.96
CA GLU A 316 35.76 -10.51 -6.36
C GLU A 316 35.86 -10.20 -7.84
N ILE A 317 37.07 -9.85 -8.27
CA ILE A 317 37.32 -9.49 -9.67
C ILE A 317 38.24 -10.49 -10.32
N TYR A 318 37.80 -11.04 -11.45
CA TYR A 318 38.63 -11.87 -12.33
C TYR A 318 39.13 -11.00 -13.49
N ARG A 319 40.46 -10.87 -13.60
CA ARG A 319 41.07 -10.12 -14.70
C ARG A 319 41.29 -10.96 -15.95
N TYR A 320 40.85 -10.42 -17.09
CA TYR A 320 41.06 -11.03 -18.39
C TYR A 320 42.11 -10.20 -19.13
N LYS A 321 43.22 -10.81 -19.51
CA LYS A 321 44.36 -10.10 -20.12
C LYS A 321 44.10 -9.67 -21.57
N ASP A 322 43.38 -10.51 -22.32
CA ASP A 322 43.18 -10.28 -23.76
C ASP A 322 42.26 -9.08 -24.06
N ASN A 323 42.45 -8.49 -25.23
CA ASN A 323 41.61 -7.39 -25.70
C ASN A 323 40.99 -7.81 -27.03
N PRO A 324 39.65 -7.98 -27.08
CA PRO A 324 39.01 -8.41 -28.33
C PRO A 324 38.83 -7.30 -29.38
N TYR A 325 39.05 -6.04 -29.00
CA TYR A 325 38.87 -4.90 -29.88
C TYR A 325 40.19 -4.35 -30.38
N SER A 326 40.13 -3.61 -31.48
CA SER A 326 41.28 -2.89 -32.04
C SER A 326 41.54 -1.53 -31.37
N PHE A 327 40.69 -1.13 -30.43
CA PHE A 327 40.89 0.09 -29.64
C PHE A 327 41.05 -0.31 -28.18
N GLU A 328 41.50 0.63 -27.37
CA GLU A 328 41.93 0.29 -26.02
C GLU A 328 40.78 0.01 -25.07
N LYS A 329 41.07 -0.82 -24.07
CA LYS A 329 40.19 -1.01 -22.90
C LYS A 329 40.12 0.27 -22.10
N VAL A 330 39.14 0.38 -21.23
CA VAL A 330 39.16 1.39 -20.17
C VAL A 330 39.64 0.67 -18.93
N SER A 331 40.68 1.22 -18.30
CA SER A 331 41.28 0.63 -17.09
C SER A 331 41.42 1.70 -16.03
N ILE A 332 41.07 1.34 -14.79
CA ILE A 332 41.30 2.17 -13.61
C ILE A 332 41.87 1.32 -12.48
N SER A 333 42.50 1.96 -11.51
CA SER A 333 42.96 1.25 -10.30
C SER A 333 42.86 2.16 -9.09
N ARG A 334 42.60 1.55 -7.93
CA ARG A 334 42.50 2.23 -6.64
C ARG A 334 41.48 3.39 -6.66
N GLN A 335 40.32 3.15 -7.27
CA GLN A 335 39.25 4.15 -7.31
C GLN A 335 38.05 3.59 -6.55
N ASP A 336 37.36 4.46 -5.82
CA ASP A 336 36.03 4.17 -5.32
C ASP A 336 35.11 4.15 -6.52
N THR A 337 34.39 3.04 -6.69
CA THR A 337 33.63 2.78 -7.91
C THR A 337 32.24 2.25 -7.54
N THR A 338 31.24 2.68 -8.31
CA THR A 338 29.88 2.18 -8.14
C THR A 338 29.63 1.16 -9.26
N LEU A 339 29.18 -0.04 -8.88
CA LEU A 339 28.86 -1.10 -9.82
C LEU A 339 27.38 -1.08 -10.11
N VAL A 340 27.05 -0.99 -11.40
CA VAL A 340 25.66 -0.91 -11.87
C VAL A 340 25.45 -1.91 -13.01
N GLY A 341 24.20 -2.17 -13.33
CA GLY A 341 23.84 -3.06 -14.44
C GLY A 341 23.47 -2.28 -15.69
N GLN A 342 22.69 -2.94 -16.55
CA GLN A 342 22.30 -2.38 -17.84
C GLN A 342 21.01 -1.55 -17.78
N LEU A 343 20.35 -1.48 -16.62
CA LEU A 343 19.01 -0.89 -16.56
C LEU A 343 19.04 0.62 -16.63
N CYS A 344 17.89 1.21 -16.97
CA CYS A 344 17.78 2.65 -17.14
C CYS A 344 17.35 3.44 -15.90
N THR A 345 17.51 2.84 -14.72
CA THR A 345 17.13 3.47 -13.48
C THR A 345 18.38 3.65 -12.60
N PRO A 346 18.49 4.81 -11.90
CA PRO A 346 19.61 4.97 -10.96
C PRO A 346 19.58 3.99 -9.77
N LYS A 347 18.47 3.27 -9.60
CA LYS A 347 18.38 2.23 -8.58
C LYS A 347 19.12 0.91 -8.92
N ASP A 348 19.65 0.78 -10.13
CA ASP A 348 20.28 -0.46 -10.60
C ASP A 348 21.73 -0.55 -10.10
N VAL A 349 21.90 -0.68 -8.79
CA VAL A 349 23.21 -0.61 -8.13
C VAL A 349 23.50 -1.88 -7.35
N PHE A 350 24.61 -2.55 -7.68
CA PHE A 350 25.07 -3.72 -6.92
C PHE A 350 25.90 -3.32 -5.71
N ALA A 351 26.66 -2.24 -5.84
CA ALA A 351 27.55 -1.77 -4.77
C ALA A 351 27.93 -0.32 -5.04
N ARG A 352 27.90 0.51 -4.00
CA ARG A 352 28.12 1.95 -4.12
C ARG A 352 29.45 2.38 -3.53
N GLU A 353 30.25 3.08 -4.34
CA GLU A 353 31.50 3.72 -3.90
C GLU A 353 32.44 2.76 -3.17
N VAL A 354 32.62 1.58 -3.75
CA VAL A 354 33.49 0.56 -3.16
C VAL A 354 34.90 0.67 -3.77
N GLN A 355 35.91 0.56 -2.91
CA GLN A 355 37.29 0.64 -3.36
C GLN A 355 37.60 -0.58 -4.22
N ILE A 356 38.03 -0.35 -5.46
CA ILE A 356 38.44 -1.42 -6.36
C ILE A 356 39.92 -1.31 -6.63
N ASP A 357 40.64 -2.40 -6.37
CA ASP A 357 42.10 -2.43 -6.57
C ASP A 357 42.49 -2.20 -8.03
N ALA A 358 41.86 -2.91 -8.95
CA ALA A 358 42.12 -2.73 -10.39
C ALA A 358 41.01 -3.41 -11.20
N ILE A 359 40.54 -2.72 -12.24
CA ILE A 359 39.45 -3.22 -13.06
C ILE A 359 39.54 -2.60 -14.45
N SER A 360 39.22 -3.41 -15.45
CA SER A 360 39.15 -2.97 -16.85
C SER A 360 37.85 -3.48 -17.47
N THR A 361 37.41 -2.80 -18.53
CA THR A 361 36.35 -3.33 -19.39
C THR A 361 36.78 -4.72 -19.86
N GLY A 362 35.84 -5.66 -19.88
CA GLY A 362 36.14 -7.04 -20.23
C GLY A 362 36.47 -7.94 -19.06
N ASP A 363 36.81 -7.37 -17.89
CA ASP A 363 37.01 -8.17 -16.68
C ASP A 363 35.66 -8.68 -16.17
N VAL A 364 35.70 -9.58 -15.20
CA VAL A 364 34.49 -10.23 -14.70
C VAL A 364 34.34 -10.00 -13.21
N ILE A 365 33.15 -9.58 -12.81
CA ILE A 365 32.81 -9.45 -11.40
C ILE A 365 32.08 -10.71 -10.97
N VAL A 366 32.55 -11.29 -9.87
CA VAL A 366 31.94 -12.45 -9.27
C VAL A 366 31.30 -12.03 -7.96
N PHE A 367 29.96 -11.94 -7.95
CA PHE A 367 29.24 -11.68 -6.72
C PHE A 367 29.08 -12.98 -5.95
N LYS A 368 29.58 -13.00 -4.72
CA LYS A 368 29.53 -14.20 -3.88
C LYS A 368 28.25 -14.25 -3.08
N TYR A 369 27.94 -15.37 -2.48
CA TYR A 369 26.76 -15.51 -1.59
C TYR A 369 25.47 -15.05 -2.30
N ALA A 370 25.28 -15.54 -3.52
CA ALA A 370 24.16 -15.15 -4.38
C ALA A 370 23.12 -16.26 -4.52
N GLY A 371 23.23 -17.32 -3.73
CA GLY A 371 22.39 -18.51 -3.89
C GLY A 371 20.97 -18.40 -3.36
N ALA A 372 20.75 -17.53 -2.37
CA ALA A 372 19.46 -17.38 -1.70
C ALA A 372 18.89 -16.01 -2.01
N TYR A 373 17.62 -15.96 -2.42
CA TYR A 373 16.92 -14.69 -2.70
C TYR A 373 17.73 -13.83 -3.66
N GLY A 374 18.29 -14.49 -4.67
CA GLY A 374 19.05 -13.82 -5.72
C GLY A 374 18.15 -13.75 -6.93
N TRP A 375 18.18 -14.81 -7.74
CA TRP A 375 17.28 -14.92 -8.89
C TRP A 375 15.81 -14.95 -8.46
N SER A 376 15.53 -15.61 -7.34
CA SER A 376 14.14 -15.88 -6.91
C SER A 376 13.32 -14.62 -6.62
N ILE A 377 13.97 -13.54 -6.18
CA ILE A 377 13.26 -12.29 -5.85
C ILE A 377 13.33 -11.23 -6.95
N SER A 378 13.92 -11.56 -8.10
CA SER A 378 14.29 -10.55 -9.09
C SER A 378 13.24 -10.39 -10.19
N HIS A 379 13.20 -9.18 -10.75
CA HIS A 379 12.18 -8.77 -11.72
C HIS A 379 12.72 -9.07 -13.12
N HIS A 380 12.79 -10.37 -13.40
CA HIS A 380 13.59 -10.94 -14.51
C HIS A 380 13.40 -10.27 -15.85
N ASP A 381 12.18 -9.87 -16.16
CA ASP A 381 11.84 -9.42 -17.52
C ASP A 381 11.64 -7.92 -17.65
N PHE A 382 11.94 -7.16 -16.59
CA PHE A 382 11.93 -5.70 -16.66
C PHE A 382 12.98 -5.26 -17.67
N LEU A 383 12.54 -4.47 -18.65
CA LEU A 383 13.37 -4.08 -19.82
C LEU A 383 13.74 -5.21 -20.79
N SER A 384 13.13 -6.38 -20.63
CA SER A 384 13.22 -7.48 -21.60
C SER A 384 14.64 -7.94 -21.99
N HIS A 385 15.55 -7.98 -21.02
CA HIS A 385 16.89 -8.51 -21.26
C HIS A 385 16.89 -10.04 -21.24
N PRO A 386 17.75 -10.67 -22.06
CA PRO A 386 17.85 -12.12 -21.96
C PRO A 386 18.24 -12.57 -20.56
N HIS A 387 17.68 -13.69 -20.13
CA HIS A 387 17.99 -14.26 -18.82
C HIS A 387 19.45 -14.64 -18.77
N PRO A 388 20.04 -14.65 -17.56
CA PRO A 388 21.40 -15.19 -17.45
C PRO A 388 21.40 -16.69 -17.72
N GLU A 389 22.55 -17.25 -18.09
CA GLU A 389 22.68 -18.71 -18.20
C GLU A 389 22.90 -19.27 -16.80
N PHE A 390 22.47 -20.51 -16.61
CA PHE A 390 22.57 -21.18 -15.30
C PHE A 390 23.50 -22.38 -15.42
N ILE A 391 24.56 -22.38 -14.62
CA ILE A 391 25.54 -23.47 -14.58
C ILE A 391 25.54 -24.08 -13.20
N TYR A 392 25.40 -25.41 -13.14
CA TYR A 392 25.40 -26.16 -11.89
C TYR A 392 26.59 -27.11 -11.89
N LEU A 393 27.54 -26.87 -10.98
CA LEU A 393 28.79 -27.64 -10.92
C LEU A 393 28.63 -28.90 -10.09
N THR A 394 28.92 -30.05 -10.70
CA THR A 394 28.86 -31.36 -10.04
C THR A 394 30.24 -31.97 -9.75
N GLN A 395 31.32 -31.31 -10.21
CA GLN A 395 32.69 -31.78 -9.98
C GLN A 395 33.63 -30.59 -9.79
N MET B 1 -14.26 3.74 -10.19
CA MET B 1 -15.02 2.45 -10.12
C MET B 1 -15.83 2.14 -11.39
N ARG B 2 -16.39 3.18 -12.01
CA ARG B 2 -17.21 3.06 -13.23
C ARG B 2 -16.66 2.13 -14.31
N ILE B 3 -15.36 2.25 -14.60
CA ILE B 3 -14.71 1.44 -15.66
C ILE B 3 -14.57 -0.04 -15.29
N VAL B 4 -14.10 -0.33 -14.07
CA VAL B 4 -13.82 -1.73 -13.67
C VAL B 4 -15.02 -2.49 -13.11
N GLN B 5 -16.07 -1.78 -12.68
CA GLN B 5 -17.18 -2.41 -11.95
C GLN B 5 -17.87 -3.52 -12.74
N PRO B 6 -18.17 -3.29 -14.04
CA PRO B 6 -18.81 -4.34 -14.84
C PRO B 6 -17.94 -5.59 -14.99
N VAL B 7 -16.62 -5.41 -15.07
CA VAL B 7 -15.68 -6.54 -15.15
C VAL B 7 -15.71 -7.35 -13.85
N ILE B 8 -15.61 -6.66 -12.72
CA ILE B 8 -15.64 -7.29 -11.40
C ILE B 8 -16.97 -8.01 -11.18
N GLU B 9 -18.08 -7.36 -11.53
CA GLU B 9 -19.41 -7.98 -11.40
C GLU B 9 -19.53 -9.29 -12.17
N GLN B 10 -19.03 -9.30 -13.40
CA GLN B 10 -19.05 -10.50 -14.23
C GLN B 10 -18.17 -11.63 -13.68
N LEU B 11 -16.98 -11.28 -13.18
CA LEU B 11 -16.09 -12.27 -12.56
C LEU B 11 -16.74 -12.92 -11.33
N LYS B 12 -17.35 -12.10 -10.48
CA LYS B 12 -18.08 -12.59 -9.31
C LYS B 12 -19.26 -13.48 -9.70
N ALA B 13 -20.03 -13.06 -10.70
CA ALA B 13 -21.19 -13.84 -11.18
C ALA B 13 -20.78 -15.20 -11.74
N GLN B 14 -19.60 -15.27 -12.35
CA GLN B 14 -19.07 -16.51 -12.92
C GLN B 14 -18.27 -17.38 -11.93
N SER B 15 -18.22 -16.99 -10.65
CA SER B 15 -17.43 -17.69 -9.61
C SER B 15 -15.93 -17.72 -9.94
N HIS B 16 -15.45 -16.66 -10.56
CA HIS B 16 -14.09 -16.54 -11.05
C HIS B 16 -13.33 -15.70 -10.02
N PRO B 17 -12.22 -16.22 -9.43
CA PRO B 17 -11.49 -15.38 -8.46
C PRO B 17 -10.90 -14.12 -9.10
N VAL B 18 -10.86 -13.04 -8.32
CA VAL B 18 -10.45 -11.73 -8.83
C VAL B 18 -9.00 -11.47 -8.44
N CYS B 19 -8.13 -11.52 -9.44
CA CYS B 19 -6.76 -11.02 -9.36
C CYS B 19 -6.32 -10.71 -10.79
N HIS B 20 -6.52 -9.47 -11.21
CA HIS B 20 -6.49 -9.07 -12.62
C HIS B 20 -5.83 -7.72 -12.80
N TYR B 21 -5.12 -7.58 -13.91
CA TYR B 21 -4.86 -6.25 -14.47
C TYR B 21 -5.99 -5.95 -15.45
N ILE B 22 -6.56 -4.75 -15.36
CA ILE B 22 -7.58 -4.28 -16.30
C ILE B 22 -7.06 -3.02 -16.96
N TYR B 23 -7.10 -2.98 -18.29
CA TYR B 23 -6.62 -1.84 -19.05
C TYR B 23 -7.73 -1.24 -19.93
N ASP B 24 -7.88 0.07 -19.86
CA ASP B 24 -8.87 0.81 -20.64
C ASP B 24 -8.21 1.29 -21.93
N LEU B 25 -8.33 0.50 -22.99
CA LEU B 25 -7.72 0.84 -24.29
C LEU B 25 -8.39 2.03 -24.97
N VAL B 26 -9.69 2.25 -24.73
CA VAL B 26 -10.37 3.43 -25.28
C VAL B 26 -9.79 4.71 -24.67
N GLY B 27 -9.63 4.73 -23.35
CA GLY B 27 -9.01 5.85 -22.65
C GLY B 27 -7.57 6.09 -23.06
N LEU B 28 -6.84 5.00 -23.32
CA LEU B 28 -5.46 5.08 -23.81
C LEU B 28 -5.40 5.75 -25.17
N GLU B 29 -6.27 5.31 -26.08
CA GLU B 29 -6.36 5.93 -27.41
C GLU B 29 -6.72 7.41 -27.35
N HIS B 30 -7.73 7.77 -26.55
CA HIS B 30 -8.12 9.18 -26.42
C HIS B 30 -6.99 10.05 -25.85
N HIS B 31 -6.30 9.53 -24.84
CA HIS B 31 -5.15 10.21 -24.22
C HIS B 31 -4.03 10.45 -25.23
N LEU B 32 -3.69 9.41 -26.00
CA LEU B 32 -2.64 9.52 -27.02
C LEU B 32 -2.96 10.49 -28.12
N GLN B 33 -4.20 10.42 -28.62
CA GLN B 33 -4.69 11.34 -29.65
C GLN B 33 -4.50 12.80 -29.24
N HIS B 34 -4.87 13.10 -28.00
CA HIS B 34 -4.77 14.44 -27.43
C HIS B 34 -3.30 14.90 -27.31
N ILE B 35 -2.47 14.07 -26.68
CA ILE B 35 -1.04 14.38 -26.54
C ILE B 35 -0.35 14.63 -27.88
N THR B 36 -0.49 13.70 -28.82
CA THR B 36 0.29 13.73 -30.06
C THR B 36 -0.16 14.83 -31.03
N SER B 37 -1.46 15.08 -31.12
CA SER B 37 -1.98 16.14 -31.98
C SER B 37 -1.66 17.55 -31.45
N SER B 38 -1.47 17.68 -30.15
CA SER B 38 -1.11 18.97 -29.55
C SER B 38 0.33 19.44 -29.87
N LEU B 39 1.21 18.50 -30.22
CA LEU B 39 2.62 18.82 -30.46
C LEU B 39 2.81 19.64 -31.72
N PRO B 40 3.83 20.53 -31.72
CA PRO B 40 4.16 21.23 -32.97
C PRO B 40 4.71 20.29 -34.04
N SER B 41 4.74 20.76 -35.28
CA SER B 41 5.09 19.92 -36.43
C SER B 41 6.52 19.38 -36.39
N ASN B 42 7.43 20.06 -35.69
CA ASN B 42 8.82 19.58 -35.56
C ASN B 42 9.06 18.66 -34.35
N CYS B 43 8.00 18.30 -33.61
CA CYS B 43 8.15 17.48 -32.40
C CYS B 43 7.41 16.15 -32.53
N GLN B 44 8.04 15.10 -32.02
CA GLN B 44 7.53 13.73 -32.13
C GLN B 44 7.38 13.13 -30.74
N MET B 45 6.45 12.19 -30.59
CA MET B 45 6.30 11.45 -29.34
C MET B 45 6.69 10.00 -29.55
N TYR B 46 7.66 9.52 -28.78
CA TYR B 46 7.99 8.09 -28.75
C TYR B 46 7.50 7.52 -27.43
N TYR B 47 6.96 6.30 -27.49
CA TYR B 47 6.55 5.59 -26.29
C TYR B 47 7.72 4.77 -25.74
N ALA B 48 8.10 5.06 -24.49
CA ALA B 48 9.16 4.33 -23.78
C ALA B 48 8.56 3.06 -23.19
N MET B 49 8.74 1.95 -23.89
CA MET B 49 7.98 0.74 -23.58
C MET B 49 8.35 0.05 -22.26
N LYS B 50 9.47 0.42 -21.64
CA LYS B 50 9.81 -0.07 -20.28
C LYS B 50 8.66 0.07 -19.26
N ALA B 51 7.85 1.11 -19.42
CA ALA B 51 6.68 1.34 -18.56
C ALA B 51 5.62 0.22 -18.66
N ASN B 52 5.48 -0.33 -19.85
CA ASN B 52 4.53 -1.41 -20.10
C ASN B 52 4.76 -1.87 -21.52
N SER B 53 5.27 -3.08 -21.69
CA SER B 53 5.55 -3.63 -23.03
C SER B 53 4.69 -4.83 -23.39
N GLU B 54 3.51 -4.92 -22.77
CA GLU B 54 2.54 -5.99 -23.08
C GLU B 54 2.12 -5.84 -24.54
N ARG B 55 2.08 -6.94 -25.28
CA ARG B 55 1.86 -6.88 -26.73
C ARG B 55 0.59 -6.09 -27.11
N THR B 56 -0.51 -6.29 -26.38
CA THR B 56 -1.77 -5.62 -26.70
C THR B 56 -1.66 -4.09 -26.49
N ILE B 57 -0.90 -3.67 -25.47
CA ILE B 57 -0.61 -2.26 -25.21
C ILE B 57 0.20 -1.65 -26.37
N LEU B 58 1.26 -2.33 -26.79
CA LEU B 58 2.08 -1.85 -27.92
C LEU B 58 1.28 -1.82 -29.23
N ASP B 59 0.44 -2.84 -29.45
CA ASP B 59 -0.45 -2.90 -30.63
C ASP B 59 -1.31 -1.63 -30.68
N THR B 60 -1.97 -1.30 -29.56
CA THR B 60 -2.83 -0.12 -29.44
C THR B 60 -2.04 1.18 -29.63
N ILE B 61 -0.91 1.29 -28.95
CA ILE B 61 -0.11 2.53 -28.95
C ILE B 61 0.52 2.83 -30.32
N SER B 62 0.92 1.79 -31.05
CA SER B 62 1.72 1.93 -32.28
C SER B 62 1.16 2.91 -33.32
N GLN B 63 -0.15 2.88 -33.51
CA GLN B 63 -0.81 3.78 -34.46
C GLN B 63 -0.54 5.26 -34.19
N TYR B 64 -0.51 5.62 -32.91
CA TYR B 64 -0.58 7.02 -32.48
C TYR B 64 0.75 7.70 -32.26
N VAL B 65 1.82 6.92 -32.10
CA VAL B 65 3.15 7.48 -31.82
C VAL B 65 4.08 7.41 -33.02
N GLU B 66 5.10 8.24 -33.02
CA GLU B 66 6.15 8.20 -34.04
C GLU B 66 6.91 6.88 -34.01
N GLY B 67 7.13 6.37 -32.81
CA GLY B 67 7.92 5.16 -32.64
C GLY B 67 8.02 4.71 -31.19
N PHE B 68 8.89 3.72 -30.94
CA PHE B 68 9.13 3.23 -29.60
C PHE B 68 10.55 3.56 -29.20
N GLU B 69 10.72 3.92 -27.94
CA GLU B 69 12.04 3.99 -27.33
C GLU B 69 12.25 2.67 -26.58
N VAL B 70 13.43 2.09 -26.75
CA VAL B 70 13.76 0.75 -26.26
C VAL B 70 15.11 0.78 -25.58
N ALA B 71 15.37 -0.16 -24.69
CA ALA B 71 16.66 -0.22 -24.01
C ALA B 71 17.28 -1.60 -23.91
N SER B 72 16.85 -2.51 -24.78
CA SER B 72 17.43 -3.84 -24.89
C SER B 72 17.08 -4.50 -26.22
N GLN B 73 17.79 -5.60 -26.51
CA GLN B 73 17.45 -6.42 -27.67
C GLN B 73 16.02 -6.95 -27.60
N GLY B 74 15.55 -7.29 -26.40
CA GLY B 74 14.18 -7.78 -26.23
C GLY B 74 13.14 -6.73 -26.55
N GLU B 75 13.42 -5.49 -26.13
CA GLU B 75 12.50 -4.39 -26.44
C GLU B 75 12.52 -4.01 -27.93
N ILE B 76 13.70 -4.08 -28.57
CA ILE B 76 13.78 -3.92 -30.03
C ILE B 76 12.87 -4.93 -30.72
N ALA B 77 12.98 -6.20 -30.35
CA ALA B 77 12.14 -7.24 -30.95
C ALA B 77 10.65 -6.99 -30.74
N LYS B 78 10.26 -6.62 -29.50
CA LYS B 78 8.87 -6.27 -29.20
C LYS B 78 8.38 -5.09 -30.05
N GLY B 79 9.23 -4.08 -30.22
CA GLY B 79 8.91 -2.91 -31.02
C GLY B 79 8.73 -3.23 -32.50
N LEU B 80 9.58 -4.12 -33.02
CA LEU B 80 9.52 -4.53 -34.43
C LEU B 80 8.24 -5.28 -34.80
N ALA B 81 7.49 -5.76 -33.81
CA ALA B 81 6.17 -6.35 -34.06
C ALA B 81 5.19 -5.37 -34.71
N PHE B 82 5.35 -4.08 -34.43
CA PHE B 82 4.41 -3.06 -34.88
C PHE B 82 5.00 -1.85 -35.61
N LYS B 83 6.30 -1.61 -35.47
CA LYS B 83 6.98 -0.49 -36.13
C LYS B 83 8.16 -1.01 -36.94
N PRO B 84 8.48 -0.34 -38.06
CA PRO B 84 9.78 -0.61 -38.70
C PRO B 84 10.93 -0.19 -37.79
N ALA B 85 12.09 -0.82 -37.96
CA ALA B 85 13.31 -0.49 -37.20
C ALA B 85 13.65 1.00 -37.27
N ASN B 86 13.34 1.61 -38.41
CA ASN B 86 13.53 3.04 -38.63
C ASN B 86 12.67 3.96 -37.74
N HIS B 87 11.73 3.39 -36.99
CA HIS B 87 10.99 4.13 -35.98
C HIS B 87 11.18 3.57 -34.58
N ILE B 88 12.35 3.00 -34.34
CA ILE B 88 12.76 2.55 -33.02
C ILE B 88 14.05 3.31 -32.66
N ILE B 89 14.09 3.86 -31.45
CA ILE B 89 15.30 4.56 -30.93
C ILE B 89 15.78 3.85 -29.67
N PHE B 90 17.10 3.67 -29.54
CA PHE B 90 17.70 2.72 -28.59
C PHE B 90 18.63 3.46 -27.64
N GLY B 91 18.27 3.47 -26.36
CA GLY B 91 19.11 4.07 -25.28
C GLY B 91 19.55 3.07 -24.23
N GLY B 92 20.45 3.49 -23.35
CA GLY B 92 20.86 2.67 -22.21
C GLY B 92 22.35 2.69 -21.97
N PRO B 93 22.77 2.59 -20.70
CA PRO B 93 24.19 2.72 -20.37
C PRO B 93 25.06 1.51 -20.65
N GLY B 94 24.47 0.35 -20.93
CA GLY B 94 25.23 -0.87 -21.13
C GLY B 94 24.76 -1.67 -22.32
N LYS B 95 24.89 -1.09 -23.51
CA LYS B 95 24.50 -1.77 -24.73
C LYS B 95 25.57 -2.78 -25.07
N THR B 96 25.19 -4.05 -25.15
CA THR B 96 26.17 -5.10 -25.45
C THR B 96 26.53 -5.11 -26.94
N ASP B 97 27.65 -5.71 -27.29
CA ASP B 97 28.01 -5.91 -28.70
C ASP B 97 26.90 -6.65 -29.46
N GLU B 98 26.28 -7.62 -28.80
CA GLU B 98 25.20 -8.40 -29.42
C GLU B 98 24.02 -7.47 -29.74
N GLU B 99 23.65 -6.62 -28.79
CA GLU B 99 22.53 -5.67 -28.98
C GLU B 99 22.82 -4.63 -30.06
N LEU B 100 24.04 -4.08 -30.03
CA LEU B 100 24.47 -3.11 -31.04
C LEU B 100 24.46 -3.72 -32.44
N ARG B 101 24.96 -4.95 -32.58
CA ARG B 101 24.97 -5.61 -33.88
C ARG B 101 23.55 -5.89 -34.39
N TYR B 102 22.68 -6.34 -33.48
CA TYR B 102 21.26 -6.54 -33.77
C TYR B 102 20.58 -5.24 -34.21
N ALA B 103 20.83 -4.16 -33.47
CA ALA B 103 20.29 -2.84 -33.79
C ALA B 103 20.72 -2.35 -35.17
N VAL B 104 22.01 -2.50 -35.47
CA VAL B 104 22.59 -2.10 -36.75
C VAL B 104 22.06 -3.00 -37.87
N SER B 105 21.97 -4.29 -37.61
CA SER B 105 21.46 -5.26 -38.61
C SER B 105 20.02 -4.94 -39.01
N GLU B 106 19.20 -4.62 -38.03
CA GLU B 106 17.78 -4.36 -38.26
C GLU B 106 17.55 -2.95 -38.83
N GLY B 107 18.45 -2.02 -38.57
CA GLY B 107 18.32 -0.65 -39.09
C GLY B 107 17.61 0.31 -38.14
N VAL B 108 17.92 0.18 -36.85
CA VAL B 108 17.35 1.04 -35.82
CA VAL B 108 17.33 1.05 -35.83
C VAL B 108 17.60 2.51 -36.18
N GLN B 109 16.65 3.37 -35.89
CA GLN B 109 16.71 4.77 -36.32
C GLN B 109 17.88 5.54 -35.71
N ARG B 110 17.99 5.49 -34.39
CA ARG B 110 19.07 6.16 -33.67
C ARG B 110 19.51 5.32 -32.50
N ILE B 111 20.81 5.38 -32.22
CA ILE B 111 21.36 4.85 -30.99
C ILE B 111 21.78 6.07 -30.15
N HIS B 112 21.31 6.10 -28.90
CA HIS B 112 21.61 7.19 -27.98
C HIS B 112 22.86 6.78 -27.19
N VAL B 113 24.01 7.25 -27.66
CA VAL B 113 25.32 6.77 -27.20
C VAL B 113 25.67 7.43 -25.86
N GLU B 114 26.13 6.62 -24.91
CA GLU B 114 26.33 7.07 -23.53
C GLU B 114 27.79 7.19 -23.07
N SER B 115 28.73 6.86 -23.94
CA SER B 115 30.17 6.93 -23.60
C SER B 115 31.06 6.85 -24.82
N MET B 116 32.30 7.28 -24.66
CA MET B 116 33.31 7.14 -25.71
C MET B 116 33.55 5.66 -26.04
N HIS B 117 33.56 4.81 -25.03
CA HIS B 117 33.80 3.39 -25.24
C HIS B 117 32.66 2.76 -26.06
N GLU B 118 31.41 3.12 -25.75
CA GLU B 118 30.27 2.64 -26.53
C GLU B 118 30.37 3.11 -27.98
N LEU B 119 30.70 4.38 -28.18
CA LEU B 119 30.91 4.95 -29.52
C LEU B 119 31.92 4.10 -30.30
N GLN B 120 33.05 3.79 -29.65
CA GLN B 120 34.07 2.99 -30.31
C GLN B 120 33.62 1.56 -30.63
N ARG B 121 32.89 0.94 -29.71
CA ARG B 121 32.33 -0.40 -29.95
C ARG B 121 31.32 -0.40 -31.08
N LEU B 122 30.42 0.59 -31.09
CA LEU B 122 29.47 0.77 -32.17
C LEU B 122 30.19 0.98 -33.51
N ASN B 123 31.18 1.87 -33.51
CA ASN B 123 31.93 2.16 -34.73
C ASN B 123 32.63 0.93 -35.31
N ALA B 124 33.18 0.07 -34.43
CA ALA B 124 33.82 -1.17 -34.88
C ALA B 124 32.85 -2.12 -35.56
N ILE B 125 31.64 -2.24 -35.01
CA ILE B 125 30.56 -3.03 -35.62
C ILE B 125 30.15 -2.46 -36.98
N LEU B 126 30.05 -1.14 -37.07
CA LEU B 126 29.66 -0.49 -38.33
C LEU B 126 30.70 -0.68 -39.43
N GLU B 127 31.98 -0.55 -39.06
CA GLU B 127 33.09 -0.81 -39.99
C GLU B 127 33.12 -2.27 -40.47
N ASP B 128 32.78 -3.20 -39.56
CA ASP B 128 32.70 -4.63 -39.86
C ASP B 128 31.50 -4.98 -40.75
N GLU B 129 30.36 -4.35 -40.48
CA GLU B 129 29.13 -4.57 -41.27
C GLU B 129 29.07 -3.73 -42.54
N ASP B 130 29.99 -2.76 -42.68
CA ASP B 130 29.97 -1.74 -43.73
C ASP B 130 28.64 -0.98 -43.76
N LYS B 131 28.24 -0.47 -42.60
CA LYS B 131 27.01 0.30 -42.44
C LYS B 131 27.27 1.63 -41.76
N THR B 132 26.31 2.52 -41.84
CA THR B 132 26.35 3.80 -41.12
C THR B 132 25.23 3.81 -40.09
N GLN B 133 25.39 4.66 -39.07
CA GLN B 133 24.39 4.78 -38.02
C GLN B 133 24.22 6.21 -37.56
N HIS B 134 22.98 6.68 -37.57
CA HIS B 134 22.61 7.94 -36.92
C HIS B 134 22.61 7.77 -35.40
N ILE B 135 23.25 8.71 -34.70
CA ILE B 135 23.30 8.68 -33.24
C ILE B 135 22.92 10.03 -32.64
N LEU B 136 22.55 9.99 -31.37
CA LEU B 136 22.63 11.15 -30.48
C LEU B 136 23.65 10.83 -29.42
N LEU B 137 24.24 11.88 -28.84
CA LEU B 137 25.05 11.74 -27.65
C LEU B 137 24.18 12.06 -26.44
N ARG B 138 24.09 11.11 -25.52
CA ARG B 138 23.38 11.33 -24.27
C ARG B 138 24.27 12.08 -23.30
N VAL B 139 23.78 13.24 -22.85
CA VAL B 139 24.54 14.15 -22.00
C VAL B 139 24.00 14.12 -20.58
N ASN B 140 24.92 14.12 -19.61
CA ASN B 140 24.60 14.25 -18.20
C ASN B 140 25.05 15.64 -17.78
N LEU B 141 24.11 16.58 -17.73
CA LEU B 141 24.42 17.98 -17.46
C LEU B 141 24.77 18.19 -15.99
N ALA B 142 25.70 19.12 -15.76
CA ALA B 142 26.09 19.55 -14.42
C ALA B 142 25.13 20.65 -13.97
N ARG B 155 23.58 15.67 -10.68
CA ARG B 155 24.18 14.75 -9.73
C ARG B 155 24.85 13.55 -10.43
N PRO B 156 25.80 12.89 -9.74
CA PRO B 156 26.46 11.76 -10.39
C PRO B 156 25.51 10.56 -10.53
N THR B 157 25.30 10.13 -11.78
CA THR B 157 24.63 8.87 -12.08
C THR B 157 25.45 8.17 -13.14
N GLN B 158 25.08 6.95 -13.45
CA GLN B 158 25.76 6.15 -14.46
C GLN B 158 25.40 6.54 -15.90
N PHE B 159 24.48 7.50 -16.09
CA PHE B 159 23.87 7.70 -17.39
C PHE B 159 24.51 8.82 -18.19
N GLY B 160 24.83 8.52 -19.45
CA GLY B 160 25.29 9.53 -20.38
C GLY B 160 26.75 9.92 -20.18
N ILE B 161 27.11 10.98 -20.89
CA ILE B 161 28.45 11.50 -20.92
C ILE B 161 28.48 12.73 -20.02
N SER B 162 29.39 12.74 -19.06
CA SER B 162 29.56 13.88 -18.16
C SER B 162 29.79 15.15 -18.98
N GLU B 163 29.12 16.23 -18.61
CA GLU B 163 29.08 17.46 -19.42
C GLU B 163 30.45 17.89 -19.95
N ASP B 164 31.41 17.92 -19.03
CA ASP B 164 32.82 18.23 -19.32
C ASP B 164 33.48 17.37 -20.42
N GLU B 165 33.04 16.13 -20.56
CA GLU B 165 33.60 15.18 -21.52
C GLU B 165 32.95 15.26 -22.91
N VAL B 166 31.81 15.97 -23.04
CA VAL B 166 31.01 15.92 -24.26
C VAL B 166 31.77 16.44 -25.50
N ASP B 167 32.53 17.53 -25.34
CA ASP B 167 33.32 18.10 -26.46
C ASP B 167 34.19 17.05 -27.15
N ASP B 168 34.92 16.26 -26.36
CA ASP B 168 35.82 15.24 -26.91
C ASP B 168 35.06 14.14 -27.64
N VAL B 169 33.90 13.74 -27.11
CA VAL B 169 33.08 12.71 -27.78
C VAL B 169 32.47 13.25 -29.08
N ILE B 170 32.05 14.51 -29.09
CA ILE B 170 31.57 15.15 -30.31
C ILE B 170 32.65 15.08 -31.39
N GLU B 171 33.86 15.49 -31.03
CA GLU B 171 34.96 15.52 -31.99
C GLU B 171 35.28 14.14 -32.56
N ALA B 172 35.26 13.13 -31.70
CA ALA B 172 35.44 11.74 -32.11
C ALA B 172 34.35 11.29 -33.07
N ALA B 173 33.10 11.57 -32.72
CA ALA B 173 31.96 11.17 -33.55
C ALA B 173 32.01 11.83 -34.93
N LEU B 174 32.39 13.11 -34.99
CA LEU B 174 32.44 13.83 -36.26
C LEU B 174 33.48 13.30 -37.24
N VAL B 175 34.60 12.78 -36.75
CA VAL B 175 35.64 12.21 -37.64
C VAL B 175 35.45 10.73 -37.99
N MET B 176 34.47 10.06 -37.35
CA MET B 176 34.13 8.68 -37.72
C MET B 176 33.19 8.67 -38.92
N PRO B 177 33.66 8.27 -40.11
CA PRO B 177 32.76 8.36 -41.28
C PRO B 177 31.49 7.50 -41.20
N ASN B 178 31.52 6.42 -40.45
CA ASN B 178 30.36 5.54 -40.29
C ASN B 178 29.28 6.07 -39.31
N ILE B 179 29.60 7.12 -38.55
CA ILE B 179 28.69 7.71 -37.58
C ILE B 179 28.12 9.02 -38.13
N HIS B 180 26.80 9.18 -38.05
CA HIS B 180 26.15 10.45 -38.32
C HIS B 180 25.65 11.03 -37.01
N LEU B 181 26.30 12.10 -36.53
CA LEU B 181 25.90 12.76 -35.29
C LEU B 181 24.75 13.70 -35.57
N ASP B 182 23.53 13.35 -35.13
CA ASP B 182 22.34 14.16 -35.37
C ASP B 182 22.18 15.26 -34.33
N GLY B 183 22.72 15.04 -33.13
CA GLY B 183 22.45 15.95 -32.02
C GLY B 183 22.59 15.28 -30.66
N PHE B 184 21.75 15.69 -29.72
CA PHE B 184 21.90 15.36 -28.31
C PHE B 184 20.64 14.77 -27.70
N HIS B 185 20.84 13.98 -26.64
CA HIS B 185 19.79 13.33 -25.87
C HIS B 185 19.97 13.78 -24.42
N PHE B 186 18.93 14.40 -23.86
CA PHE B 186 18.94 14.81 -22.46
C PHE B 186 17.83 14.06 -21.74
N HIS B 187 18.17 13.30 -20.70
CA HIS B 187 17.15 12.68 -19.83
C HIS B 187 17.66 12.73 -18.40
N SER B 188 17.50 13.92 -17.82
CA SER B 188 18.01 14.26 -16.50
C SER B 188 17.01 13.99 -15.39
N ILE B 189 15.74 14.31 -15.67
CA ILE B 189 14.73 14.49 -14.63
C ILE B 189 13.75 13.34 -14.62
N SER B 190 13.36 12.94 -13.42
CA SER B 190 12.38 11.91 -13.21
C SER B 190 11.15 12.54 -12.56
N ASN B 191 9.98 12.02 -12.93
CA ASN B 191 8.68 12.34 -12.35
C ASN B 191 8.44 13.81 -11.93
N ASN B 192 8.64 14.71 -12.89
CA ASN B 192 8.33 16.13 -12.69
C ASN B 192 6.85 16.39 -12.91
N LEU B 193 6.19 16.98 -11.90
CA LEU B 193 4.77 17.36 -12.02
C LEU B 193 4.52 18.84 -12.36
N ASP B 194 5.59 19.63 -12.46
CA ASP B 194 5.51 21.08 -12.65
C ASP B 194 5.78 21.44 -14.12
N SER B 195 4.73 21.81 -14.84
CA SER B 195 4.83 22.12 -16.28
C SER B 195 5.73 23.31 -16.60
N ASN B 196 5.67 24.35 -15.78
CA ASN B 196 6.53 25.53 -15.97
C ASN B 196 8.02 25.22 -15.75
N LEU B 197 8.32 24.44 -14.73
CA LEU B 197 9.70 23.97 -14.51
C LEU B 197 10.17 23.12 -15.70
N HIS B 198 9.29 22.30 -16.25
CA HIS B 198 9.64 21.47 -17.41
C HIS B 198 10.03 22.33 -18.63
N VAL B 199 9.29 23.41 -18.87
CA VAL B 199 9.65 24.37 -19.93
C VAL B 199 11.05 24.97 -19.69
N ASP B 200 11.36 25.30 -18.44
CA ASP B 200 12.69 25.86 -18.09
C ASP B 200 13.82 24.85 -18.30
N VAL B 201 13.55 23.57 -18.03
CA VAL B 201 14.54 22.51 -18.29
C VAL B 201 14.77 22.34 -19.80
N VAL B 202 13.70 22.32 -20.58
CA VAL B 202 13.81 22.25 -22.04
C VAL B 202 14.61 23.44 -22.62
N LYS B 203 14.42 24.62 -22.03
CA LYS B 203 15.19 25.79 -22.41
C LYS B 203 16.68 25.57 -22.20
N LEU B 204 17.06 25.01 -21.04
CA LEU B 204 18.45 24.65 -20.77
C LEU B 204 18.97 23.68 -21.84
N TYR B 205 18.19 22.65 -22.14
CA TYR B 205 18.55 21.68 -23.19
C TYR B 205 18.82 22.37 -24.53
N PHE B 206 17.90 23.23 -24.95
CA PHE B 206 18.06 24.01 -26.19
C PHE B 206 19.38 24.80 -26.22
N LYS B 207 19.66 25.51 -25.14
CA LYS B 207 20.84 26.36 -25.07
C LYS B 207 22.14 25.56 -25.09
N LYS B 208 22.17 24.44 -24.38
CA LYS B 208 23.34 23.58 -24.33
C LYS B 208 23.60 22.97 -25.72
N ALA B 209 22.53 22.48 -26.35
CA ALA B 209 22.63 21.89 -27.69
C ALA B 209 23.11 22.91 -28.73
N LYS B 210 22.56 24.12 -28.69
CA LYS B 210 22.97 25.17 -29.63
C LYS B 210 24.44 25.56 -29.41
N SER B 211 24.84 25.66 -28.14
CA SER B 211 26.23 26.01 -27.82
C SER B 211 27.22 24.99 -28.36
N TRP B 212 26.95 23.70 -28.16
CA TRP B 212 27.80 22.65 -28.74
C TRP B 212 27.81 22.64 -30.27
N SER B 213 26.63 22.79 -30.87
CA SER B 213 26.51 22.89 -32.33
C SER B 213 27.33 24.06 -32.91
N GLU B 214 27.28 25.20 -32.22
CA GLU B 214 27.98 26.41 -32.65
C GLU B 214 29.50 26.31 -32.43
N LYS B 215 29.91 25.71 -31.31
CA LYS B 215 31.33 25.47 -31.00
C LYS B 215 32.01 24.53 -31.98
N HIS B 216 31.35 23.43 -32.33
CA HIS B 216 31.93 22.40 -33.19
C HIS B 216 31.49 22.48 -34.65
N ARG B 217 30.58 23.40 -34.97
CA ARG B 217 30.07 23.63 -36.33
C ARG B 217 29.63 22.36 -37.04
N PHE B 218 28.65 21.70 -36.45
CA PHE B 218 27.93 20.62 -37.11
C PHE B 218 26.43 20.95 -37.03
N PRO B 219 25.64 20.49 -38.01
CA PRO B 219 24.21 20.83 -37.97
C PRO B 219 23.48 20.21 -36.79
N LEU B 220 22.71 21.02 -36.08
CA LEU B 220 21.89 20.51 -35.00
C LEU B 220 20.58 20.00 -35.61
N LYS B 221 20.57 18.71 -35.94
CA LYS B 221 19.43 18.13 -36.64
C LYS B 221 18.29 17.73 -35.70
N HIS B 222 18.67 17.23 -34.53
CA HIS B 222 17.72 16.59 -33.66
C HIS B 222 18.11 16.70 -32.19
N ILE B 223 17.11 16.89 -31.34
CA ILE B 223 17.29 16.80 -29.89
C ILE B 223 16.23 15.87 -29.31
N ASN B 224 16.68 14.86 -28.57
CA ASN B 224 15.80 14.05 -27.75
C ASN B 224 15.74 14.71 -26.37
N LEU B 225 14.53 15.17 -26.01
CA LEU B 225 14.28 15.90 -24.76
C LEU B 225 13.96 14.99 -23.58
N GLY B 226 14.00 13.68 -23.81
CA GLY B 226 13.82 12.71 -22.75
C GLY B 226 12.37 12.53 -22.34
N GLY B 227 12.18 11.95 -21.16
CA GLY B 227 10.87 11.79 -20.55
C GLY B 227 10.84 12.60 -19.26
N GLY B 228 10.39 11.95 -18.19
CA GLY B 228 10.30 12.61 -16.89
C GLY B 228 9.05 13.43 -16.69
N ILE B 229 8.06 13.27 -17.57
CA ILE B 229 6.75 13.87 -17.38
C ILE B 229 6.07 13.03 -16.31
N GLY B 230 5.73 13.66 -15.19
CA GLY B 230 5.39 12.92 -13.99
C GLY B 230 3.93 12.52 -13.91
N VAL B 231 3.66 11.58 -13.00
CA VAL B 231 2.31 11.18 -12.62
C VAL B 231 2.21 11.34 -11.11
N ASN B 232 1.08 11.88 -10.65
CA ASN B 232 0.85 12.11 -9.23
C ASN B 232 0.05 10.96 -8.61
N TYR B 233 0.73 10.13 -7.81
CA TYR B 233 0.10 9.02 -7.10
C TYR B 233 -0.42 9.40 -5.71
N ALA B 234 -0.03 10.57 -5.22
CA ALA B 234 -0.46 11.05 -3.89
C ALA B 234 -1.79 11.80 -3.95
N ASP B 235 -1.98 12.58 -5.00
CA ASP B 235 -3.21 13.32 -5.27
C ASP B 235 -3.55 13.16 -6.75
N LEU B 236 -4.53 12.30 -7.04
CA LEU B 236 -4.86 11.92 -8.41
C LEU B 236 -5.49 13.04 -9.23
N THR B 237 -6.04 14.05 -8.56
CA THR B 237 -6.64 15.21 -9.22
C THR B 237 -5.61 16.26 -9.68
N SER B 238 -4.34 16.13 -9.29
CA SER B 238 -3.28 17.11 -9.65
C SER B 238 -2.19 16.49 -10.53
N GLN B 239 -2.55 16.23 -11.77
CA GLN B 239 -1.66 15.65 -12.76
C GLN B 239 -0.89 16.73 -13.53
N PHE B 240 0.10 16.29 -14.31
CA PHE B 240 0.91 17.19 -15.13
C PHE B 240 0.01 18.00 -16.04
N GLU B 241 0.19 19.31 -16.05
CA GLU B 241 -0.62 20.23 -16.85
C GLU B 241 -0.11 20.24 -18.29
N TRP B 242 -0.46 19.19 -19.04
CA TRP B 242 0.08 18.97 -20.38
C TRP B 242 -0.25 20.10 -21.37
N ASP B 243 -1.49 20.57 -21.38
CA ASP B 243 -1.89 21.64 -22.30
C ASP B 243 -1.12 22.94 -22.04
N ASN B 244 -0.95 23.29 -20.77
CA ASN B 244 -0.11 24.43 -20.37
C ASN B 244 1.33 24.26 -20.83
N PHE B 245 1.92 23.10 -20.55
CA PHE B 245 3.28 22.79 -21.00
C PHE B 245 3.44 22.99 -22.51
N VAL B 246 2.56 22.36 -23.29
CA VAL B 246 2.63 22.38 -24.76
C VAL B 246 2.56 23.80 -25.33
N GLU B 247 1.63 24.61 -24.81
CA GLU B 247 1.50 26.00 -25.26
C GLU B 247 2.78 26.78 -25.04
N ASN B 248 3.35 26.67 -23.85
CA ASN B 248 4.60 27.36 -23.51
C ASN B 248 5.83 26.78 -24.22
N PHE B 249 5.83 25.45 -24.40
CA PHE B 249 6.84 24.76 -25.20
C PHE B 249 6.89 25.30 -26.64
N LYS B 250 5.72 25.47 -27.25
CA LYS B 250 5.63 26.05 -28.61
C LYS B 250 6.24 27.45 -28.67
N THR B 251 5.89 28.29 -27.69
CA THR B 251 6.43 29.64 -27.58
C THR B 251 7.95 29.61 -27.43
N LEU B 252 8.45 28.72 -26.57
CA LEU B 252 9.90 28.56 -26.36
C LEU B 252 10.64 28.17 -27.65
N ILE B 253 10.07 27.24 -28.42
CA ILE B 253 10.66 26.84 -29.69
C ILE B 253 10.88 28.05 -30.61
N VAL B 254 9.88 28.92 -30.69
CA VAL B 254 9.99 30.14 -31.51
C VAL B 254 11.02 31.11 -30.91
N GLU B 255 10.94 31.36 -29.60
CA GLU B 255 11.90 32.26 -28.92
C GLU B 255 13.35 31.84 -29.10
N GLN B 256 13.60 30.53 -29.04
CA GLN B 256 14.93 29.97 -29.16
C GLN B 256 15.32 29.57 -30.58
N GLU B 257 14.44 29.84 -31.56
CA GLU B 257 14.69 29.60 -32.98
C GLU B 257 15.03 28.14 -33.26
N MET B 258 14.20 27.24 -32.73
CA MET B 258 14.40 25.79 -32.88
C MET B 258 13.42 25.17 -33.88
N GLU B 259 12.78 25.97 -34.73
CA GLU B 259 11.72 25.46 -35.63
C GLU B 259 12.22 24.42 -36.64
N ASP B 260 13.47 24.56 -37.06
CA ASP B 260 14.09 23.65 -38.04
C ASP B 260 14.87 22.48 -37.41
N VAL B 261 14.83 22.37 -36.08
CA VAL B 261 15.41 21.22 -35.37
C VAL B 261 14.27 20.27 -35.07
N THR B 262 14.43 18.99 -35.38
CA THR B 262 13.42 18.00 -34.98
C THR B 262 13.63 17.63 -33.51
N LEU B 263 12.52 17.45 -32.80
CA LEU B 263 12.54 17.19 -31.38
C LEU B 263 11.73 15.95 -31.10
N ASN B 264 12.11 15.18 -30.08
CA ASN B 264 11.24 14.10 -29.62
C ASN B 264 11.23 14.03 -28.10
N PHE B 265 10.10 13.57 -27.58
CA PHE B 265 9.99 13.11 -26.20
C PHE B 265 9.96 11.57 -26.23
N GLU B 266 10.30 10.98 -25.08
CA GLU B 266 10.26 9.53 -24.89
C GLU B 266 9.57 9.27 -23.56
N CYS B 267 8.24 9.23 -23.60
CA CYS B 267 7.41 9.12 -22.40
C CYS B 267 6.87 7.70 -22.23
N GLY B 268 6.91 7.22 -20.99
CA GLY B 268 6.34 5.94 -20.62
C GLY B 268 5.19 6.15 -19.66
N ARG B 269 5.55 6.58 -18.45
CA ARG B 269 4.62 6.67 -17.33
C ARG B 269 3.38 7.49 -17.65
N PHE B 270 3.59 8.68 -18.18
CA PHE B 270 2.52 9.62 -18.48
C PHE B 270 1.52 9.10 -19.53
N ILE B 271 1.98 8.23 -20.43
CA ILE B 271 1.11 7.66 -21.48
C ILE B 271 0.17 6.57 -20.96
N VAL B 272 0.65 5.69 -20.09
CA VAL B 272 -0.13 4.49 -19.70
C VAL B 272 -0.57 4.38 -18.23
N ALA B 273 -0.05 5.21 -17.33
CA ALA B 273 -0.34 5.03 -15.89
C ALA B 273 -1.84 4.97 -15.56
N HIS B 274 -2.57 5.99 -15.99
CA HIS B 274 -3.96 6.18 -15.51
C HIS B 274 -4.99 5.22 -16.13
N ILE B 275 -4.63 4.52 -17.21
CA ILE B 275 -5.55 3.60 -17.89
C ILE B 275 -5.44 2.16 -17.40
N GLY B 276 -4.59 1.90 -16.42
CA GLY B 276 -4.45 0.57 -15.85
C GLY B 276 -4.91 0.45 -14.42
N TYR B 277 -5.44 -0.73 -14.08
CA TYR B 277 -5.94 -1.04 -12.75
C TYR B 277 -5.45 -2.44 -12.35
N TYR B 278 -5.08 -2.60 -11.08
CA TYR B 278 -4.76 -3.90 -10.50
C TYR B 278 -5.86 -4.18 -9.49
N VAL B 279 -6.65 -5.21 -9.75
CA VAL B 279 -7.86 -5.49 -8.94
C VAL B 279 -7.72 -6.85 -8.29
N THR B 280 -8.01 -6.93 -7.00
CA THR B 280 -7.77 -8.16 -6.27
C THR B 280 -8.71 -8.34 -5.08
N GLU B 281 -9.16 -9.57 -4.90
CA GLU B 281 -10.11 -9.86 -3.82
C GLU B 281 -9.45 -9.97 -2.46
N VAL B 282 -10.21 -9.66 -1.42
CA VAL B 282 -9.77 -9.78 -0.03
C VAL B 282 -9.96 -11.22 0.43
N LEU B 283 -8.86 -11.88 0.80
CA LEU B 283 -8.86 -13.27 1.29
C LEU B 283 -9.05 -13.37 2.80
N ASP B 284 -8.51 -12.40 3.54
CA ASP B 284 -8.53 -12.47 4.99
C ASP B 284 -8.38 -11.08 5.60
N ILE B 285 -8.95 -10.90 6.78
CA ILE B 285 -8.82 -9.67 7.57
C ILE B 285 -8.49 -10.15 8.97
N LYS B 286 -7.42 -9.62 9.56
CA LYS B 286 -6.95 -10.04 10.87
C LYS B 286 -6.32 -8.88 11.62
N LYS B 287 -6.35 -8.99 12.95
CA LYS B 287 -5.72 -8.04 13.84
C LYS B 287 -4.53 -8.72 14.50
N VAL B 288 -3.34 -8.14 14.37
CA VAL B 288 -2.13 -8.68 14.96
C VAL B 288 -1.47 -7.62 15.83
N HIS B 289 -1.39 -7.91 17.14
CA HIS B 289 -0.87 -6.97 18.14
C HIS B 289 -1.44 -5.56 17.98
N GLY B 290 -2.74 -5.49 17.77
CA GLY B 290 -3.46 -4.22 17.65
C GLY B 290 -3.59 -3.63 16.24
N ALA B 291 -2.83 -4.16 15.28
CA ALA B 291 -2.80 -3.61 13.91
C ALA B 291 -3.65 -4.45 12.98
N TRP B 292 -4.52 -3.79 12.21
CA TRP B 292 -5.39 -4.47 11.27
C TRP B 292 -4.71 -4.68 9.91
N TYR B 293 -4.84 -5.90 9.38
CA TYR B 293 -4.33 -6.26 8.06
C TYR B 293 -5.44 -6.84 7.20
N ALA B 294 -5.42 -6.52 5.90
CA ALA B 294 -6.25 -7.20 4.91
C ALA B 294 -5.31 -7.88 3.92
N ILE B 295 -5.47 -9.20 3.79
CA ILE B 295 -4.62 -10.03 2.93
C ILE B 295 -5.33 -10.21 1.61
N LEU B 296 -4.65 -9.84 0.51
CA LEU B 296 -5.25 -9.83 -0.82
C LEU B 296 -4.67 -10.94 -1.67
N ARG B 297 -5.45 -11.38 -2.67
CA ARG B 297 -4.94 -12.31 -3.67
C ARG B 297 -3.87 -11.60 -4.50
N GLY B 298 -2.85 -12.33 -4.92
CA GLY B 298 -1.72 -11.75 -5.63
C GLY B 298 -0.71 -11.17 -4.65
N GLY B 299 -0.14 -10.02 -4.97
CA GLY B 299 0.90 -9.45 -4.15
C GLY B 299 1.77 -8.46 -4.88
N THR B 300 2.74 -7.93 -4.15
CA THR B 300 3.63 -6.92 -4.69
C THR B 300 4.66 -7.51 -5.65
N GLN B 301 4.74 -8.83 -5.76
CA GLN B 301 5.49 -9.48 -6.83
C GLN B 301 4.75 -9.45 -8.18
N GLN B 302 3.46 -9.10 -8.17
CA GLN B 302 2.69 -8.81 -9.37
C GLN B 302 2.52 -7.31 -9.61
N PHE B 303 2.60 -6.51 -8.53
CA PHE B 303 2.43 -5.08 -8.59
C PHE B 303 3.38 -4.42 -7.57
N ARG B 304 4.66 -4.27 -7.95
CA ARG B 304 5.74 -3.85 -7.02
C ARG B 304 5.86 -2.34 -6.80
N LEU B 305 5.19 -1.55 -7.63
CA LEU B 305 5.25 -0.09 -7.57
C LEU B 305 5.18 0.54 -6.16
N PRO B 306 4.18 0.16 -5.34
CA PRO B 306 4.13 0.74 -3.97
C PRO B 306 5.37 0.48 -3.11
N VAL B 307 5.98 -0.70 -3.29
CA VAL B 307 7.16 -1.07 -2.51
C VAL B 307 8.41 -0.35 -3.03
N SER B 308 8.56 -0.33 -4.35
CA SER B 308 9.70 0.33 -4.97
C SER B 308 9.74 1.82 -4.64
N TRP B 309 8.58 2.47 -4.75
CA TRP B 309 8.43 3.90 -4.44
C TRP B 309 8.15 4.22 -2.97
N GLN B 310 7.96 3.19 -2.13
CA GLN B 310 7.71 3.35 -0.70
C GLN B 310 6.54 4.30 -0.45
N HIS B 311 5.40 4.03 -1.09
CA HIS B 311 4.21 4.82 -0.90
C HIS B 311 2.96 3.98 -0.71
N ASN B 312 1.89 4.62 -0.25
CA ASN B 312 0.59 3.98 -0.16
C ASN B 312 -0.11 4.18 -1.48
N HIS B 313 -0.30 3.09 -2.23
CA HIS B 313 -0.87 3.21 -3.56
C HIS B 313 -2.37 3.54 -3.51
N PRO B 314 -2.85 4.47 -4.36
CA PRO B 314 -4.28 4.81 -4.36
C PRO B 314 -5.19 3.64 -4.74
N PHE B 315 -6.32 3.53 -4.05
CA PHE B 315 -7.27 2.46 -4.31
C PHE B 315 -8.67 2.86 -3.92
N GLU B 316 -9.65 2.10 -4.42
CA GLU B 316 -11.05 2.13 -3.98
C GLU B 316 -11.48 0.71 -3.62
N ILE B 317 -12.62 0.60 -2.93
CA ILE B 317 -13.13 -0.70 -2.48
C ILE B 317 -14.45 -1.01 -3.17
N TYR B 318 -14.51 -2.17 -3.81
CA TYR B 318 -15.75 -2.71 -4.34
C TYR B 318 -16.36 -3.60 -3.25
N ARG B 319 -17.52 -3.19 -2.76
CA ARG B 319 -18.20 -3.88 -1.66
C ARG B 319 -19.13 -4.94 -2.23
N TYR B 320 -18.72 -6.20 -2.10
CA TYR B 320 -19.45 -7.33 -2.65
C TYR B 320 -20.52 -7.77 -1.66
N LYS B 321 -21.75 -7.94 -2.15
CA LYS B 321 -22.92 -8.14 -1.28
C LYS B 321 -23.22 -9.58 -0.91
N ASP B 322 -22.69 -10.55 -1.66
CA ASP B 322 -22.99 -11.97 -1.42
C ASP B 322 -21.91 -12.67 -0.61
N ASN B 323 -22.24 -13.86 -0.11
CA ASN B 323 -21.38 -14.66 0.75
C ASN B 323 -21.36 -16.10 0.23
N PRO B 324 -20.20 -16.59 -0.26
CA PRO B 324 -20.15 -17.97 -0.73
C PRO B 324 -19.99 -19.03 0.37
N TYR B 325 -19.76 -18.63 1.62
CA TYR B 325 -19.56 -19.57 2.73
C TYR B 325 -20.77 -19.60 3.67
N SER B 326 -20.87 -20.67 4.44
CA SER B 326 -21.94 -20.81 5.44
C SER B 326 -21.63 -20.09 6.76
N PHE B 327 -20.42 -19.54 6.89
CA PHE B 327 -20.02 -18.75 8.07
C PHE B 327 -19.91 -17.30 7.64
N GLU B 328 -19.94 -16.40 8.61
CA GLU B 328 -19.99 -14.96 8.34
C GLU B 328 -18.67 -14.46 7.78
N LYS B 329 -18.76 -13.39 7.00
CA LYS B 329 -17.56 -12.69 6.53
C LYS B 329 -16.85 -12.03 7.70
N VAL B 330 -15.55 -11.79 7.59
CA VAL B 330 -14.85 -10.91 8.52
C VAL B 330 -15.01 -9.50 7.96
N SER B 331 -15.42 -8.56 8.81
CA SER B 331 -15.65 -7.16 8.42
C SER B 331 -15.03 -6.23 9.43
N ILE B 332 -14.49 -5.11 8.97
CA ILE B 332 -14.09 -4.03 9.87
C ILE B 332 -14.59 -2.70 9.31
N SER B 333 -14.61 -1.69 10.17
CA SER B 333 -15.08 -0.35 9.81
C SER B 333 -14.21 0.71 10.45
N ARG B 334 -13.71 1.63 9.61
CA ARG B 334 -13.01 2.84 10.06
C ARG B 334 -11.79 2.55 10.92
N GLN B 335 -10.93 1.68 10.40
CA GLN B 335 -9.65 1.32 11.01
C GLN B 335 -8.51 1.72 10.08
N ASP B 336 -7.38 2.10 10.68
CA ASP B 336 -6.08 2.09 10.01
C ASP B 336 -5.84 0.65 9.60
N THR B 337 -5.64 0.41 8.31
CA THR B 337 -5.53 -0.95 7.78
C THR B 337 -4.31 -1.03 6.88
N THR B 338 -3.61 -2.15 6.95
CA THR B 338 -2.46 -2.39 6.09
C THR B 338 -2.86 -3.47 5.08
N LEU B 339 -2.69 -3.14 3.80
CA LEU B 339 -3.03 -4.05 2.71
C LEU B 339 -1.77 -4.79 2.28
N VAL B 340 -1.85 -6.11 2.30
CA VAL B 340 -0.74 -6.98 1.93
C VAL B 340 -1.21 -8.03 0.94
N GLY B 341 -0.26 -8.70 0.30
CA GLY B 341 -0.58 -9.81 -0.60
C GLY B 341 -0.40 -11.16 0.06
N GLN B 342 -0.23 -12.18 -0.78
CA GLN B 342 -0.06 -13.56 -0.32
C GLN B 342 1.38 -13.93 0.05
N LEU B 343 2.36 -13.05 -0.16
CA LEU B 343 3.77 -13.43 0.02
C LEU B 343 4.19 -13.61 1.48
N CYS B 344 5.23 -14.44 1.70
CA CYS B 344 5.78 -14.67 3.02
C CYS B 344 6.97 -13.76 3.27
N THR B 345 6.73 -12.45 3.13
CA THR B 345 7.68 -11.43 3.55
C THR B 345 6.92 -10.21 4.11
N PRO B 346 7.42 -9.62 5.20
CA PRO B 346 6.76 -8.39 5.68
C PRO B 346 6.87 -7.18 4.73
N LYS B 347 7.69 -7.29 3.69
CA LYS B 347 7.78 -6.25 2.67
C LYS B 347 6.62 -6.26 1.66
N ASP B 348 5.73 -7.26 1.73
CA ASP B 348 4.63 -7.38 0.75
C ASP B 348 3.46 -6.46 1.08
N VAL B 349 3.68 -5.14 0.97
CA VAL B 349 2.72 -4.13 1.44
C VAL B 349 2.35 -3.19 0.31
N PHE B 350 1.05 -3.13 0.00
CA PHE B 350 0.50 -2.19 -0.99
C PHE B 350 0.23 -0.80 -0.39
N ALA B 351 -0.16 -0.79 0.88
CA ALA B 351 -0.51 0.43 1.60
C ALA B 351 -0.45 0.13 3.09
N ARG B 352 0.21 1.02 3.85
N ARG B 352 0.20 1.02 3.85
CA ARG B 352 0.48 0.83 5.28
CA ARG B 352 0.46 0.83 5.27
C ARG B 352 -0.33 1.79 6.13
C ARG B 352 -0.35 1.80 6.12
N GLU B 353 -1.15 1.26 7.04
CA GLU B 353 -1.90 2.04 8.04
C GLU B 353 -2.74 3.15 7.41
N VAL B 354 -3.53 2.75 6.41
CA VAL B 354 -4.37 3.68 5.68
C VAL B 354 -5.82 3.54 6.15
N GLN B 355 -6.55 4.65 6.09
CA GLN B 355 -7.95 4.65 6.46
C GLN B 355 -8.77 3.82 5.49
N ILE B 356 -9.56 2.90 6.02
CA ILE B 356 -10.54 2.16 5.24
C ILE B 356 -11.89 2.27 5.94
N ASP B 357 -12.88 2.78 5.25
CA ASP B 357 -14.19 3.05 5.84
C ASP B 357 -14.95 1.77 6.12
N ALA B 358 -14.95 0.87 5.14
CA ALA B 358 -15.53 -0.45 5.30
C ALA B 358 -14.82 -1.45 4.39
N ILE B 359 -14.55 -2.62 4.92
CA ILE B 359 -13.98 -3.71 4.11
C ILE B 359 -14.35 -5.05 4.76
N SER B 360 -14.60 -6.03 3.89
CA SER B 360 -14.96 -7.37 4.30
C SER B 360 -14.19 -8.37 3.45
N THR B 361 -14.03 -9.59 3.98
CA THR B 361 -13.53 -10.69 3.14
C THR B 361 -14.48 -10.87 1.96
N GLY B 362 -13.90 -11.09 0.77
CA GLY B 362 -14.68 -11.16 -0.47
C GLY B 362 -14.84 -9.85 -1.23
N ASP B 363 -14.56 -8.71 -0.58
CA ASP B 363 -14.55 -7.44 -1.30
C ASP B 363 -13.40 -7.44 -2.32
N VAL B 364 -13.43 -6.49 -3.24
CA VAL B 364 -12.33 -6.34 -4.21
C VAL B 364 -11.67 -4.98 -4.03
N ILE B 365 -10.34 -4.97 -3.92
CA ILE B 365 -9.57 -3.73 -3.89
C ILE B 365 -9.23 -3.37 -5.34
N VAL B 366 -9.51 -2.13 -5.71
CA VAL B 366 -9.20 -1.63 -7.04
C VAL B 366 -8.06 -0.63 -6.89
N PHE B 367 -6.84 -1.06 -7.23
CA PHE B 367 -5.69 -0.15 -7.26
C PHE B 367 -5.68 0.64 -8.57
N LYS B 368 -5.67 1.96 -8.45
CA LYS B 368 -5.74 2.86 -9.60
C LYS B 368 -4.36 3.26 -10.07
N TYR B 369 -4.24 3.81 -11.27
CA TYR B 369 -2.97 4.28 -11.81
C TYR B 369 -1.90 3.18 -11.73
N ALA B 370 -2.27 1.99 -12.25
CA ALA B 370 -1.44 0.79 -12.17
C ALA B 370 -0.87 0.41 -13.54
N GLY B 371 -1.04 1.27 -14.54
CA GLY B 371 -0.72 0.93 -15.92
C GLY B 371 0.77 1.02 -16.26
N ALA B 372 1.51 1.85 -15.52
CA ALA B 372 2.93 2.08 -15.76
C ALA B 372 3.78 1.53 -14.63
N TYR B 373 4.84 0.80 -14.96
CA TYR B 373 5.77 0.26 -13.96
C TYR B 373 5.01 -0.47 -12.85
N GLY B 374 4.02 -1.25 -13.26
CA GLY B 374 3.23 -2.06 -12.35
C GLY B 374 3.70 -3.49 -12.56
N TRP B 375 3.10 -4.15 -13.54
CA TRP B 375 3.56 -5.48 -13.94
C TRP B 375 5.02 -5.49 -14.41
N SER B 376 5.44 -4.43 -15.11
CA SER B 376 6.74 -4.45 -15.78
C SER B 376 7.96 -4.52 -14.86
N ILE B 377 7.84 -3.99 -13.63
CA ILE B 377 8.97 -3.96 -12.68
C ILE B 377 8.91 -5.05 -11.62
N SER B 378 7.95 -5.97 -11.78
CA SER B 378 7.59 -6.86 -10.69
C SER B 378 8.26 -8.22 -10.80
N HIS B 379 8.47 -8.84 -9.66
CA HIS B 379 9.20 -10.11 -9.54
C HIS B 379 8.19 -11.26 -9.61
N HIS B 380 7.68 -11.45 -10.82
CA HIS B 380 6.45 -12.22 -11.10
C HIS B 380 6.44 -13.60 -10.49
N ASP B 381 7.58 -14.27 -10.47
CA ASP B 381 7.65 -15.67 -10.10
C ASP B 381 8.19 -15.95 -8.70
N PHE B 382 8.46 -14.91 -7.90
CA PHE B 382 8.85 -15.09 -6.50
C PHE B 382 7.72 -15.79 -5.75
N LEU B 383 8.03 -16.90 -5.08
CA LEU B 383 7.04 -17.77 -4.43
C LEU B 383 6.13 -18.56 -5.40
N SER B 384 6.40 -18.49 -6.71
CA SER B 384 5.74 -19.31 -7.75
C SER B 384 4.19 -19.23 -7.75
N HIS B 385 3.64 -18.03 -7.61
CA HIS B 385 2.18 -17.86 -7.73
C HIS B 385 1.76 -17.78 -9.19
N PRO B 386 0.54 -18.24 -9.50
CA PRO B 386 0.05 -18.00 -10.87
C PRO B 386 -0.04 -16.51 -11.15
N HIS B 387 0.22 -16.14 -12.40
CA HIS B 387 0.17 -14.73 -12.80
C HIS B 387 -1.26 -14.22 -12.71
N PRO B 388 -1.41 -12.90 -12.52
CA PRO B 388 -2.77 -12.37 -12.65
C PRO B 388 -3.27 -12.52 -14.08
N GLU B 389 -4.58 -12.39 -14.27
CA GLU B 389 -5.14 -12.39 -15.61
C GLU B 389 -5.22 -10.98 -16.13
N PHE B 390 -5.18 -10.83 -17.46
CA PHE B 390 -5.12 -9.52 -18.10
C PHE B 390 -6.37 -9.32 -18.92
N ILE B 391 -7.07 -8.22 -18.69
CA ILE B 391 -8.28 -7.88 -19.43
C ILE B 391 -8.06 -6.52 -20.09
N TYR B 392 -8.28 -6.48 -21.41
CA TYR B 392 -8.10 -5.25 -22.19
C TYR B 392 -9.46 -4.83 -22.72
N LEU B 393 -9.97 -3.70 -22.22
CA LEU B 393 -11.30 -3.21 -22.58
C LEU B 393 -11.26 -2.34 -23.83
N THR B 394 -12.12 -2.65 -24.81
CA THR B 394 -12.18 -1.91 -26.09
C THR B 394 -13.52 -1.19 -26.32
N ARG C 2 -8.17 -2.77 21.84
CA ARG C 2 -7.44 -1.89 20.87
C ARG C 2 -6.64 -0.79 21.59
N ILE C 3 -6.35 0.30 20.88
CA ILE C 3 -5.69 1.55 21.36
C ILE C 3 -5.59 1.88 22.86
N VAL C 4 -6.59 1.47 23.63
CA VAL C 4 -6.64 1.80 25.05
C VAL C 4 -5.81 0.89 25.94
N GLN C 5 -5.46 -0.31 25.47
CA GLN C 5 -4.81 -1.32 26.31
C GLN C 5 -3.51 -0.82 26.96
N PRO C 6 -2.60 -0.18 26.18
CA PRO C 6 -1.40 0.41 26.81
C PRO C 6 -1.68 1.45 27.87
N VAL C 7 -2.72 2.27 27.66
CA VAL C 7 -3.10 3.30 28.62
C VAL C 7 -3.61 2.65 29.91
N ILE C 8 -4.48 1.65 29.79
CA ILE C 8 -5.02 0.95 30.98
C ILE C 8 -3.88 0.27 31.75
N GLU C 9 -2.96 -0.37 31.01
CA GLU C 9 -1.80 -1.03 31.65
C GLU C 9 -0.96 -0.05 32.47
N GLN C 10 -0.71 1.14 31.93
CA GLN C 10 0.09 2.16 32.61
C GLN C 10 -0.63 2.72 33.83
N LEU C 11 -1.95 2.92 33.71
CA LEU C 11 -2.76 3.36 34.85
C LEU C 11 -2.71 2.35 35.99
N LYS C 12 -2.93 1.06 35.68
CA LYS C 12 -2.85 -0.02 36.68
C LYS C 12 -1.46 -0.13 37.31
N ALA C 13 -0.42 -0.09 36.48
CA ALA C 13 0.97 -0.19 36.97
C ALA C 13 1.36 0.94 37.93
N GLN C 14 0.80 2.14 37.73
CA GLN C 14 1.09 3.31 38.58
C GLN C 14 0.01 3.58 39.66
N SER C 15 -0.86 2.61 39.91
CA SER C 15 -1.93 2.70 40.92
C SER C 15 -2.86 3.91 40.76
N HIS C 16 -3.14 4.30 39.51
CA HIS C 16 -4.08 5.38 39.22
C HIS C 16 -5.44 4.76 38.97
N PRO C 17 -6.49 5.28 39.62
CA PRO C 17 -7.82 4.72 39.32
C PRO C 17 -8.21 4.96 37.86
N VAL C 18 -8.95 4.03 37.30
CA VAL C 18 -9.36 4.10 35.90
C VAL C 18 -10.78 4.64 35.83
N CYS C 19 -10.90 5.89 35.41
CA CYS C 19 -12.16 6.48 34.98
C CYS C 19 -11.80 7.61 34.02
N HIS C 20 -11.77 7.27 32.73
CA HIS C 20 -11.12 8.09 31.71
C HIS C 20 -11.94 8.12 30.42
N TYR C 21 -11.90 9.25 29.74
CA TYR C 21 -12.18 9.31 28.32
C TYR C 21 -10.85 9.23 27.59
N ILE C 22 -10.77 8.33 26.62
CA ILE C 22 -9.57 8.19 25.78
C ILE C 22 -9.95 8.43 24.33
N TYR C 23 -9.21 9.31 23.67
CA TYR C 23 -9.49 9.65 22.27
C TYR C 23 -8.30 9.33 21.34
N ASP C 24 -8.62 8.75 20.20
CA ASP C 24 -7.65 8.36 19.17
C ASP C 24 -7.61 9.46 18.10
N LEU C 25 -6.71 10.43 18.28
CA LEU C 25 -6.64 11.58 17.37
C LEU C 25 -6.10 11.22 16.00
N VAL C 26 -5.26 10.19 15.94
CA VAL C 26 -4.73 9.72 14.66
C VAL C 26 -5.87 9.15 13.81
N GLY C 27 -6.68 8.32 14.44
CA GLY C 27 -7.87 7.75 13.80
C GLY C 27 -8.84 8.85 13.36
N LEU C 28 -8.98 9.89 14.18
CA LEU C 28 -9.83 11.03 13.83
C LEU C 28 -9.31 11.74 12.57
N GLU C 29 -8.00 12.01 12.54
CA GLU C 29 -7.36 12.67 11.38
C GLU C 29 -7.50 11.87 10.10
N HIS C 30 -7.23 10.57 10.18
CA HIS C 30 -7.34 9.68 9.03
C HIS C 30 -8.78 9.57 8.51
N HIS C 31 -9.74 9.49 9.41
CA HIS C 31 -11.16 9.49 9.05
C HIS C 31 -11.53 10.77 8.30
N LEU C 32 -11.14 11.91 8.87
CA LEU C 32 -11.45 13.20 8.27
C LEU C 32 -10.79 13.39 6.90
N GLN C 33 -9.53 13.00 6.78
CA GLN C 33 -8.83 13.03 5.48
C GLN C 33 -9.61 12.26 4.42
N HIS C 34 -10.07 11.05 4.77
CA HIS C 34 -10.81 10.21 3.85
C HIS C 34 -12.15 10.81 3.43
N ILE C 35 -12.93 11.27 4.41
CA ILE C 35 -14.23 11.90 4.16
C ILE C 35 -14.07 13.13 3.26
N THR C 36 -13.19 14.05 3.66
CA THR C 36 -13.05 15.31 2.95
C THR C 36 -12.50 15.12 1.54
N SER C 37 -11.54 14.21 1.37
CA SER C 37 -10.99 13.92 0.03
C SER C 37 -11.99 13.24 -0.90
N SER C 38 -12.95 12.49 -0.34
CA SER C 38 -13.94 11.76 -1.15
C SER C 38 -15.05 12.64 -1.74
N LEU C 39 -15.26 13.83 -1.19
CA LEU C 39 -16.40 14.66 -1.62
C LEU C 39 -16.11 15.31 -2.98
N PRO C 40 -17.17 15.56 -3.78
CA PRO C 40 -16.96 16.33 -5.01
C PRO C 40 -16.58 17.78 -4.70
N SER C 41 -16.03 18.47 -5.70
CA SER C 41 -15.47 19.82 -5.49
C SER C 41 -16.49 20.87 -5.02
N ASN C 42 -17.76 20.67 -5.34
CA ASN C 42 -18.82 21.59 -4.90
C ASN C 42 -19.44 21.30 -3.51
N CYS C 43 -18.95 20.27 -2.80
CA CYS C 43 -19.53 19.88 -1.50
C CYS C 43 -18.48 19.89 -0.41
N GLN C 44 -18.79 20.51 0.73
CA GLN C 44 -17.87 20.60 1.86
C GLN C 44 -18.46 19.93 3.10
N MET C 45 -17.60 19.42 3.96
CA MET C 45 -18.02 18.88 5.26
C MET C 45 -17.79 19.92 6.35
N TYR C 46 -18.84 20.18 7.14
CA TYR C 46 -18.71 20.97 8.36
C TYR C 46 -18.91 20.03 9.55
N TYR C 47 -18.15 20.28 10.62
CA TYR C 47 -18.30 19.50 11.85
C TYR C 47 -19.32 20.16 12.77
N ALA C 48 -20.37 19.42 13.14
CA ALA C 48 -21.39 19.87 14.09
C ALA C 48 -20.85 19.63 15.50
N MET C 49 -20.34 20.68 16.12
CA MET C 49 -19.55 20.51 17.33
C MET C 49 -20.34 20.10 18.57
N LYS C 50 -21.67 20.19 18.54
CA LYS C 50 -22.50 19.67 19.64
C LYS C 50 -22.17 18.22 20.05
N ALA C 51 -21.74 17.41 19.08
CA ALA C 51 -21.32 16.02 19.32
C ALA C 51 -20.15 15.92 20.29
N ASN C 52 -19.23 16.89 20.21
CA ASN C 52 -18.03 16.92 21.05
C ASN C 52 -17.30 18.24 20.77
N SER C 53 -17.29 19.16 21.73
CA SER C 53 -16.63 20.46 21.57
C SER C 53 -15.42 20.63 22.48
N GLU C 54 -14.82 19.52 22.90
CA GLU C 54 -13.59 19.57 23.70
C GLU C 54 -12.50 20.26 22.86
N ARG C 55 -11.74 21.14 23.51
CA ARG C 55 -10.76 21.97 22.79
C ARG C 55 -9.78 21.18 21.93
N THR C 56 -9.22 20.10 22.46
CA THR C 56 -8.27 19.26 21.73
C THR C 56 -8.91 18.58 20.51
N ILE C 57 -10.17 18.17 20.66
CA ILE C 57 -10.93 17.58 19.55
C ILE C 57 -11.14 18.63 18.43
N LEU C 58 -11.59 19.82 18.80
CA LEU C 58 -11.81 20.91 17.83
C LEU C 58 -10.50 21.30 17.11
N ASP C 59 -9.41 21.35 17.85
CA ASP C 59 -8.09 21.65 17.28
C ASP C 59 -7.75 20.66 16.16
N THR C 60 -7.87 19.38 16.44
CA THR C 60 -7.61 18.32 15.46
C THR C 60 -8.55 18.40 14.25
N ILE C 61 -9.84 18.53 14.53
CA ILE C 61 -10.85 18.56 13.48
C ILE C 61 -10.67 19.78 12.55
N SER C 62 -10.33 20.93 13.12
CA SER C 62 -10.21 22.19 12.35
C SER C 62 -9.20 22.11 11.21
N GLN C 63 -8.20 21.25 11.36
CA GLN C 63 -7.19 21.08 10.33
C GLN C 63 -7.69 20.41 9.05
N TYR C 64 -8.87 19.77 9.07
CA TYR C 64 -9.39 19.00 7.92
C TYR C 64 -10.72 19.49 7.32
N VAL C 65 -11.67 19.84 8.17
CA VAL C 65 -12.99 20.25 7.72
C VAL C 65 -12.99 21.66 7.16
N GLU C 66 -14.02 21.97 6.39
CA GLU C 66 -14.22 23.32 5.85
C GLU C 66 -14.50 24.30 6.98
N GLY C 67 -15.32 23.89 7.94
CA GLY C 67 -15.69 24.76 9.02
C GLY C 67 -16.49 24.06 10.09
N PHE C 68 -17.04 24.84 11.02
CA PHE C 68 -17.86 24.31 12.10
C PHE C 68 -19.31 24.73 11.93
N GLU C 69 -20.21 23.81 12.23
CA GLU C 69 -21.60 24.15 12.45
C GLU C 69 -21.79 24.33 13.95
N VAL C 70 -22.47 25.42 14.33
CA VAL C 70 -22.62 25.82 15.72
C VAL C 70 -24.09 26.13 16.01
N ALA C 71 -24.49 26.02 17.27
CA ALA C 71 -25.89 26.26 17.66
C ALA C 71 -26.06 27.18 18.86
N SER C 72 -25.02 27.91 19.22
CA SER C 72 -25.08 28.87 20.34
C SER C 72 -23.92 29.84 20.28
N GLN C 73 -24.04 30.94 21.02
CA GLN C 73 -22.93 31.89 21.17
C GLN C 73 -21.69 31.22 21.77
N GLY C 74 -21.87 30.27 22.69
CA GLY C 74 -20.74 29.54 23.23
C GLY C 74 -20.00 28.69 22.21
N GLU C 75 -20.75 28.06 21.31
CA GLU C 75 -20.15 27.27 20.24
C GLU C 75 -19.49 28.17 19.19
N ILE C 76 -20.10 29.33 18.90
CA ILE C 76 -19.44 30.31 18.04
C ILE C 76 -18.06 30.64 18.62
N ALA C 77 -18.02 30.99 19.90
CA ALA C 77 -16.78 31.36 20.57
C ALA C 77 -15.74 30.24 20.55
N LYS C 78 -16.16 29.00 20.82
CA LYS C 78 -15.26 27.86 20.75
C LYS C 78 -14.70 27.65 19.33
N GLY C 79 -15.57 27.80 18.33
CA GLY C 79 -15.17 27.63 16.94
C GLY C 79 -14.19 28.69 16.46
N LEU C 80 -14.37 29.93 16.93
CA LEU C 80 -13.47 31.04 16.58
C LEU C 80 -12.03 30.89 17.07
N ALA C 81 -11.79 30.01 18.04
CA ALA C 81 -10.42 29.68 18.45
C ALA C 81 -9.64 28.98 17.34
N PHE C 82 -10.33 28.30 16.42
CA PHE C 82 -9.68 27.49 15.38
C PHE C 82 -10.08 27.79 13.93
N LYS C 83 -11.19 28.49 13.72
CA LYS C 83 -11.65 28.86 12.38
C LYS C 83 -12.04 30.33 12.35
N PRO C 84 -11.85 30.99 11.20
CA PRO C 84 -12.41 32.33 11.07
C PRO C 84 -13.94 32.27 10.99
N ALA C 85 -14.59 33.37 11.37
CA ALA C 85 -16.06 33.49 11.35
C ALA C 85 -16.69 33.12 10.00
N ASN C 86 -16.02 33.45 8.91
CA ASN C 86 -16.54 33.14 7.57
C ASN C 86 -16.43 31.67 7.16
N HIS C 87 -15.98 30.80 8.08
CA HIS C 87 -16.13 29.35 7.95
C HIS C 87 -16.95 28.76 9.12
N ILE C 88 -17.81 29.57 9.73
CA ILE C 88 -18.71 29.10 10.78
C ILE C 88 -20.16 29.30 10.30
N ILE C 89 -20.97 28.26 10.43
CA ILE C 89 -22.40 28.33 10.07
C ILE C 89 -23.25 28.04 11.33
N PHE C 90 -24.32 28.81 11.50
CA PHE C 90 -25.06 28.91 12.78
C PHE C 90 -26.53 28.51 12.58
N GLY C 91 -26.94 27.41 13.21
CA GLY C 91 -28.33 26.93 13.18
C GLY C 91 -28.96 26.86 14.56
N GLY C 92 -30.26 26.57 14.61
CA GLY C 92 -30.96 26.30 15.87
C GLY C 92 -32.31 27.01 15.96
N PRO C 93 -33.29 26.40 16.64
CA PRO C 93 -34.66 26.93 16.65
C PRO C 93 -34.91 28.14 17.56
N GLY C 94 -33.95 28.53 18.41
CA GLY C 94 -34.17 29.62 19.35
C GLY C 94 -32.96 30.51 19.53
N LYS C 95 -32.55 31.13 18.42
CA LYS C 95 -31.41 32.03 18.45
C LYS C 95 -31.83 33.32 19.13
N THR C 96 -31.14 33.68 20.21
CA THR C 96 -31.51 34.88 20.96
C THR C 96 -31.00 36.11 20.22
N ASP C 97 -31.58 37.27 20.50
CA ASP C 97 -31.07 38.53 19.93
C ASP C 97 -29.58 38.74 20.20
N GLU C 98 -29.15 38.37 21.41
CA GLU C 98 -27.74 38.44 21.81
C GLU C 98 -26.84 37.55 20.93
N GLU C 99 -27.30 36.34 20.64
CA GLU C 99 -26.55 35.40 19.79
C GLU C 99 -26.50 35.86 18.34
N LEU C 100 -27.64 36.33 17.84
CA LEU C 100 -27.72 36.90 16.49
C LEU C 100 -26.78 38.09 16.32
N ARG C 101 -26.81 39.02 17.27
CA ARG C 101 -25.92 40.18 17.22
C ARG C 101 -24.45 39.77 17.24
N TYR C 102 -24.09 38.81 18.09
CA TYR C 102 -22.73 38.28 18.16
C TYR C 102 -22.29 37.65 16.83
N ALA C 103 -23.17 36.81 16.27
CA ALA C 103 -22.92 36.16 14.98
C ALA C 103 -22.72 37.18 13.84
N VAL C 104 -23.59 38.18 13.80
CA VAL C 104 -23.51 39.26 12.79
C VAL C 104 -22.23 40.08 12.97
N SER C 105 -21.92 40.40 14.23
CA SER C 105 -20.76 41.20 14.58
C SER C 105 -19.45 40.52 14.17
N GLU C 106 -19.33 39.23 14.50
CA GLU C 106 -18.15 38.44 14.11
C GLU C 106 -18.09 38.15 12.60
N GLY C 107 -19.25 38.10 11.95
CA GLY C 107 -19.35 37.89 10.51
C GLY C 107 -19.42 36.42 10.15
N VAL C 108 -20.30 35.67 10.82
CA VAL C 108 -20.46 34.24 10.50
C VAL C 108 -20.85 34.05 9.04
N GLN C 109 -20.44 32.92 8.48
CA GLN C 109 -20.64 32.62 7.06
C GLN C 109 -22.12 32.62 6.68
N ARG C 110 -22.92 31.83 7.40
CA ARG C 110 -24.36 31.77 7.19
C ARG C 110 -25.11 31.58 8.50
N ILE C 111 -26.31 32.13 8.56
CA ILE C 111 -27.26 31.83 9.63
C ILE C 111 -28.38 31.02 8.98
N HIS C 112 -28.70 29.87 9.58
CA HIS C 112 -29.76 29.00 9.08
C HIS C 112 -31.04 29.33 9.84
N VAL C 113 -31.89 30.13 9.21
CA VAL C 113 -33.06 30.73 9.82
C VAL C 113 -34.22 29.74 9.87
N GLU C 114 -34.84 29.60 11.04
CA GLU C 114 -35.84 28.55 11.29
C GLU C 114 -37.28 29.03 11.37
N SER C 115 -37.51 30.33 11.25
CA SER C 115 -38.88 30.87 11.31
C SER C 115 -38.98 32.31 10.82
N MET C 116 -40.21 32.74 10.58
CA MET C 116 -40.51 34.12 10.20
C MET C 116 -40.09 35.10 11.29
N HIS C 117 -40.37 34.74 12.55
CA HIS C 117 -40.06 35.63 13.67
C HIS C 117 -38.56 35.80 13.83
N GLU C 118 -37.81 34.71 13.69
CA GLU C 118 -36.34 34.78 13.69
C GLU C 118 -35.83 35.67 12.55
N LEU C 119 -36.41 35.48 11.37
CA LEU C 119 -36.03 36.29 10.21
C LEU C 119 -36.21 37.79 10.51
N GLN C 120 -37.36 38.15 11.06
CA GLN C 120 -37.64 39.54 11.42
C GLN C 120 -36.71 40.07 12.51
N ARG C 121 -36.39 39.24 13.50
CA ARG C 121 -35.45 39.64 14.57
C ARG C 121 -34.03 39.81 14.02
N LEU C 122 -33.59 38.87 13.18
CA LEU C 122 -32.30 39.00 12.52
C LEU C 122 -32.23 40.29 11.67
N ASN C 123 -33.27 40.52 10.89
CA ASN C 123 -33.34 41.73 10.06
C ASN C 123 -33.25 43.03 10.86
N ALA C 124 -33.92 43.08 12.01
CA ALA C 124 -33.89 44.25 12.91
C ALA C 124 -32.49 44.50 13.45
N ILE C 125 -31.78 43.43 13.79
CA ILE C 125 -30.39 43.51 14.22
C ILE C 125 -29.48 43.98 13.07
N LEU C 126 -29.72 43.43 11.88
CA LEU C 126 -28.96 43.84 10.70
C LEU C 126 -29.16 45.32 10.37
N GLU C 127 -30.41 45.79 10.44
CA GLU C 127 -30.72 47.23 10.27
C GLU C 127 -30.02 48.09 11.31
N ASP C 128 -29.99 47.63 12.55
CA ASP C 128 -29.26 48.32 13.63
C ASP C 128 -27.74 48.32 13.43
N GLU C 129 -27.18 47.19 13.02
CA GLU C 129 -25.74 47.05 12.79
C GLU C 129 -25.26 47.65 11.45
N ASP C 130 -26.20 47.99 10.55
CA ASP C 130 -25.89 48.47 9.18
C ASP C 130 -25.08 47.41 8.41
N LYS C 131 -25.57 46.17 8.45
CA LYS C 131 -24.84 45.04 7.90
C LYS C 131 -25.77 44.14 7.11
N THR C 132 -25.17 43.30 6.27
CA THR C 132 -25.90 42.31 5.48
C THR C 132 -25.46 40.93 5.93
N GLN C 133 -26.33 39.94 5.73
CA GLN C 133 -26.06 38.57 6.16
C GLN C 133 -26.57 37.55 5.14
N HIS C 134 -25.71 36.61 4.77
CA HIS C 134 -26.10 35.43 3.99
C HIS C 134 -26.81 34.45 4.89
N ILE C 135 -27.97 33.97 4.43
CA ILE C 135 -28.77 33.01 5.19
C ILE C 135 -29.17 31.82 4.33
N LEU C 136 -29.54 30.75 5.00
CA LEU C 136 -30.40 29.71 4.42
C LEU C 136 -31.71 29.70 5.19
N LEU C 137 -32.76 29.19 4.56
CA LEU C 137 -34.00 28.88 5.27
C LEU C 137 -34.02 27.38 5.56
N ARG C 138 -34.16 27.04 6.84
CA ARG C 138 -34.29 25.65 7.25
C ARG C 138 -35.73 25.21 7.09
N VAL C 139 -35.93 24.14 6.33
CA VAL C 139 -37.25 23.67 5.94
C VAL C 139 -37.54 22.36 6.64
N ASN C 140 -38.77 22.21 7.12
CA ASN C 140 -39.25 20.93 7.66
C ASN C 140 -40.23 20.36 6.64
N LEU C 141 -39.74 19.44 5.82
CA LEU C 141 -40.55 18.86 4.74
C LEU C 141 -41.67 17.96 5.27
N ALA C 142 -42.79 17.99 4.56
CA ALA C 142 -43.87 17.04 4.77
C ALA C 142 -43.58 15.78 3.96
N MET C 152 -37.35 10.43 11.81
CA MET C 152 -38.12 11.63 12.17
C MET C 152 -38.82 12.26 10.95
N ALA C 153 -38.84 11.56 9.83
CA ALA C 153 -39.14 12.17 8.52
C ALA C 153 -40.61 12.56 8.39
N GLY C 154 -40.87 13.86 8.30
CA GLY C 154 -42.23 14.39 8.09
C GLY C 154 -43.10 14.51 9.33
N ARG C 155 -42.50 14.31 10.51
CA ARG C 155 -43.22 14.37 11.78
C ARG C 155 -43.17 15.80 12.32
N PRO C 156 -44.18 16.20 13.14
CA PRO C 156 -44.07 17.52 13.76
C PRO C 156 -42.88 17.56 14.72
N THR C 157 -42.01 18.54 14.51
CA THR C 157 -40.98 18.89 15.47
C THR C 157 -40.92 20.41 15.50
N GLN C 158 -40.13 20.93 16.42
CA GLN C 158 -39.95 22.37 16.57
C GLN C 158 -38.99 22.99 15.53
N PHE C 159 -38.43 22.18 14.64
CA PHE C 159 -37.30 22.61 13.82
C PHE C 159 -37.71 23.10 12.45
N GLY C 160 -37.23 24.29 12.11
CA GLY C 160 -37.39 24.84 10.78
C GLY C 160 -38.78 25.36 10.49
N ILE C 161 -38.99 25.64 9.21
CA ILE C 161 -40.22 26.20 8.69
C ILE C 161 -41.02 25.06 8.09
N SER C 162 -42.24 24.87 8.59
CA SER C 162 -43.17 23.90 8.03
C SER C 162 -43.30 24.12 6.52
N GLU C 163 -43.29 23.03 5.75
CA GLU C 163 -43.26 23.10 4.28
C GLU C 163 -44.33 24.03 3.72
N ASP C 164 -45.54 23.93 4.26
CA ASP C 164 -46.68 24.79 3.92
C ASP C 164 -46.47 26.31 4.10
N GLU C 165 -45.52 26.71 4.96
CA GLU C 165 -45.17 28.10 5.23
C GLU C 165 -43.92 28.61 4.47
N VAL C 166 -43.19 27.72 3.79
CA VAL C 166 -41.89 28.10 3.23
C VAL C 166 -42.02 29.21 2.17
N ASP C 167 -43.04 29.12 1.31
CA ASP C 167 -43.25 30.16 0.29
C ASP C 167 -43.33 31.57 0.89
N ASP C 168 -44.07 31.72 1.99
CA ASP C 168 -44.20 33.02 2.66
C ASP C 168 -42.91 33.55 3.27
N VAL C 169 -42.10 32.66 3.84
CA VAL C 169 -40.83 33.08 4.43
C VAL C 169 -39.80 33.44 3.35
N ILE C 170 -39.80 32.68 2.25
CA ILE C 170 -38.95 33.03 1.08
C ILE C 170 -39.25 34.46 0.65
N GLU C 171 -40.53 34.77 0.46
CA GLU C 171 -40.93 36.08 -0.01
C GLU C 171 -40.56 37.19 0.98
N ALA C 172 -40.72 36.93 2.27
CA ALA C 172 -40.30 37.88 3.30
C ALA C 172 -38.81 38.14 3.24
N ALA C 173 -38.02 37.07 3.09
CA ALA C 173 -36.58 37.17 2.99
C ALA C 173 -36.13 37.95 1.75
N LEU C 174 -36.79 37.71 0.62
CA LEU C 174 -36.46 38.39 -0.63
C LEU C 174 -36.73 39.89 -0.64
N VAL C 175 -37.62 40.37 0.23
CA VAL C 175 -37.95 41.80 0.35
C VAL C 175 -37.04 42.54 1.34
N MET C 176 -36.23 41.82 2.12
CA MET C 176 -35.33 42.46 3.08
C MET C 176 -33.96 42.79 2.46
N PRO C 177 -33.64 44.10 2.29
CA PRO C 177 -32.32 44.46 1.75
C PRO C 177 -31.10 43.94 2.51
N ASN C 178 -31.22 43.76 3.82
CA ASN C 178 -30.10 43.29 4.61
C ASN C 178 -29.87 41.77 4.54
N ILE C 179 -30.76 41.04 3.88
CA ILE C 179 -30.68 39.58 3.76
C ILE C 179 -30.23 39.14 2.37
N HIS C 180 -29.29 38.20 2.32
CA HIS C 180 -28.96 37.48 1.09
C HIS C 180 -29.41 36.05 1.27
N LEU C 181 -30.47 35.67 0.57
CA LEU C 181 -30.99 34.29 0.63
C LEU C 181 -30.20 33.40 -0.33
N ASP C 182 -29.28 32.61 0.22
CA ASP C 182 -28.44 31.73 -0.60
C ASP C 182 -29.16 30.46 -1.03
N GLY C 183 -30.15 30.02 -0.25
CA GLY C 183 -30.82 28.76 -0.50
C GLY C 183 -31.42 28.15 0.76
N PHE C 184 -31.33 26.82 0.85
CA PHE C 184 -32.11 26.03 1.80
C PHE C 184 -31.28 25.08 2.62
N HIS C 185 -31.79 24.81 3.83
CA HIS C 185 -31.18 23.92 4.79
C HIS C 185 -32.20 22.83 5.13
N PHE C 186 -31.82 21.57 4.93
CA PHE C 186 -32.67 20.44 5.26
C PHE C 186 -31.95 19.58 6.28
N HIS C 187 -32.59 19.36 7.43
CA HIS C 187 -32.05 18.45 8.45
C HIS C 187 -33.21 17.79 9.17
N SER C 188 -33.81 16.84 8.48
CA SER C 188 -35.08 16.20 8.85
C SER C 188 -34.91 14.77 9.39
N ILE C 189 -33.98 14.04 8.80
CA ILE C 189 -33.76 12.63 9.11
C ILE C 189 -32.65 12.52 10.15
N SER C 190 -32.76 11.54 11.04
CA SER C 190 -31.71 11.32 12.01
C SER C 190 -31.33 9.85 12.05
N ASN C 191 -30.07 9.66 12.46
CA ASN C 191 -29.38 8.38 12.57
C ASN C 191 -29.76 7.36 11.50
N ASN C 192 -29.57 7.75 10.25
CA ASN C 192 -29.82 6.87 9.11
C ASN C 192 -28.59 6.03 8.81
N LEU C 193 -28.78 4.71 8.78
CA LEU C 193 -27.69 3.77 8.45
C LEU C 193 -27.72 3.22 7.02
N ASP C 194 -28.69 3.65 6.21
CA ASP C 194 -28.92 3.13 4.86
C ASP C 194 -28.44 4.18 3.83
N SER C 195 -27.29 3.92 3.24
CA SER C 195 -26.69 4.85 2.25
C SER C 195 -27.55 5.10 0.99
N ASN C 196 -28.25 4.07 0.50
CA ASN C 196 -29.12 4.25 -0.65
C ASN C 196 -30.35 5.12 -0.33
N LEU C 197 -30.95 4.92 0.84
CA LEU C 197 -32.02 5.79 1.34
C LEU C 197 -31.54 7.24 1.46
N HIS C 198 -30.30 7.44 1.92
CA HIS C 198 -29.76 8.79 2.08
C HIS C 198 -29.64 9.51 0.72
N VAL C 199 -29.24 8.78 -0.33
CA VAL C 199 -29.17 9.35 -1.69
C VAL C 199 -30.57 9.78 -2.16
N ASP C 200 -31.58 8.94 -1.88
CA ASP C 200 -32.97 9.25 -2.24
C ASP C 200 -33.46 10.51 -1.51
N VAL C 201 -33.07 10.65 -0.24
CA VAL C 201 -33.43 11.84 0.54
C VAL C 201 -32.75 13.08 -0.04
N VAL C 202 -31.47 12.98 -0.38
CA VAL C 202 -30.77 14.11 -1.01
C VAL C 202 -31.43 14.50 -2.34
N LYS C 203 -31.86 13.52 -3.12
CA LYS C 203 -32.58 13.80 -4.38
C LYS C 203 -33.83 14.66 -4.14
N LEU C 204 -34.59 14.30 -3.10
CA LEU C 204 -35.77 15.07 -2.67
C LEU C 204 -35.39 16.51 -2.30
N TYR C 205 -34.32 16.68 -1.54
CA TYR C 205 -33.83 18.00 -1.17
C TYR C 205 -33.50 18.84 -2.42
N PHE C 206 -32.80 18.23 -3.38
CA PHE C 206 -32.46 18.89 -4.65
C PHE C 206 -33.72 19.35 -5.39
N LYS C 207 -34.71 18.47 -5.48
CA LYS C 207 -35.95 18.78 -6.22
C LYS C 207 -36.73 19.91 -5.56
N LYS C 208 -36.87 19.86 -4.24
CA LYS C 208 -37.58 20.90 -3.50
C LYS C 208 -36.89 22.26 -3.61
N ALA C 209 -35.57 22.28 -3.45
CA ALA C 209 -34.81 23.55 -3.53
C ALA C 209 -34.91 24.18 -4.93
N LYS C 210 -34.73 23.36 -5.96
CA LYS C 210 -34.85 23.84 -7.36
C LYS C 210 -36.25 24.37 -7.65
N SER C 211 -37.26 23.68 -7.13
CA SER C 211 -38.65 24.10 -7.33
C SER C 211 -38.93 25.47 -6.69
N TRP C 212 -38.45 25.67 -5.46
CA TRP C 212 -38.66 26.95 -4.77
C TRP C 212 -37.89 28.09 -5.41
N SER C 213 -36.65 27.84 -5.81
CA SER C 213 -35.86 28.88 -6.47
C SER C 213 -36.44 29.28 -7.84
N GLU C 214 -36.99 28.31 -8.57
CA GLU C 214 -37.69 28.61 -9.83
C GLU C 214 -38.98 29.39 -9.59
N LYS C 215 -39.80 28.91 -8.65
CA LYS C 215 -41.09 29.55 -8.32
C LYS C 215 -40.91 31.01 -7.87
N HIS C 216 -39.93 31.26 -7.01
CA HIS C 216 -39.71 32.60 -6.44
C HIS C 216 -38.67 33.42 -7.21
N ARG C 217 -38.12 32.85 -8.29
CA ARG C 217 -37.27 33.54 -9.24
C ARG C 217 -36.05 34.18 -8.57
N PHE C 218 -35.30 33.34 -7.87
CA PHE C 218 -34.03 33.75 -7.29
C PHE C 218 -32.98 32.67 -7.53
N PRO C 219 -31.70 33.06 -7.64
CA PRO C 219 -30.66 32.07 -7.93
C PRO C 219 -30.35 31.14 -6.73
N LEU C 220 -30.41 29.84 -6.96
CA LEU C 220 -30.07 28.86 -5.92
C LEU C 220 -28.56 28.76 -5.83
N LYS C 221 -27.98 29.34 -4.78
CA LYS C 221 -26.52 29.33 -4.60
C LYS C 221 -26.01 28.15 -3.78
N HIS C 222 -26.78 27.72 -2.79
CA HIS C 222 -26.29 26.77 -1.80
C HIS C 222 -27.40 25.93 -1.20
N ILE C 223 -27.12 24.65 -0.93
CA ILE C 223 -28.00 23.79 -0.13
C ILE C 223 -27.17 23.14 0.98
N ASN C 224 -27.64 23.32 2.21
CA ASN C 224 -27.13 22.57 3.35
C ASN C 224 -27.96 21.30 3.48
N LEU C 225 -27.31 20.17 3.25
CA LEU C 225 -27.98 18.86 3.22
C LEU C 225 -28.10 18.22 4.60
N GLY C 226 -27.63 18.91 5.63
CA GLY C 226 -27.83 18.49 7.00
C GLY C 226 -26.88 17.38 7.42
N GLY C 227 -27.29 16.67 8.46
CA GLY C 227 -26.55 15.54 8.98
C GLY C 227 -27.44 14.31 8.88
N GLY C 228 -27.59 13.60 10.00
CA GLY C 228 -28.37 12.38 10.03
C GLY C 228 -27.64 11.17 9.48
N ILE C 229 -26.32 11.27 9.27
CA ILE C 229 -25.53 10.11 8.88
C ILE C 229 -25.31 9.32 10.16
N GLY C 230 -25.89 8.13 10.20
CA GLY C 230 -26.01 7.38 11.44
C GLY C 230 -24.77 6.62 11.83
N VAL C 231 -24.76 6.18 13.08
CA VAL C 231 -23.74 5.30 13.62
C VAL C 231 -24.46 4.11 14.23
N ASN C 232 -23.95 2.91 13.98
CA ASN C 232 -24.52 1.66 14.50
C ASN C 232 -23.85 1.29 15.80
N TYR C 233 -24.64 1.29 16.89
CA TYR C 233 -24.15 0.91 18.22
C TYR C 233 -24.44 -0.54 18.58
N ALA C 234 -25.20 -1.25 17.75
CA ALA C 234 -25.54 -2.66 18.01
C ALA C 234 -24.56 -3.61 17.33
N ASP C 235 -24.28 -3.37 16.05
CA ASP C 235 -23.26 -4.10 15.32
C ASP C 235 -22.20 -3.09 14.86
N LEU C 236 -21.08 -3.04 15.55
CA LEU C 236 -20.08 -2.01 15.30
C LEU C 236 -19.38 -2.14 13.95
N THR C 237 -19.40 -3.33 13.36
CA THR C 237 -18.80 -3.54 12.03
C THR C 237 -19.78 -3.28 10.88
N SER C 238 -21.02 -2.93 11.17
CA SER C 238 -22.05 -2.64 10.16
C SER C 238 -22.45 -1.16 10.16
N GLN C 239 -21.54 -0.32 9.67
CA GLN C 239 -21.72 1.13 9.69
C GLN C 239 -22.30 1.67 8.38
N PHE C 240 -22.61 2.96 8.37
CA PHE C 240 -23.05 3.65 7.17
C PHE C 240 -22.01 3.46 6.07
N GLU C 241 -22.46 3.02 4.89
CA GLU C 241 -21.58 2.74 3.75
C GLU C 241 -21.20 4.06 3.05
N TRP C 242 -20.23 4.76 3.64
CA TRP C 242 -19.86 6.09 3.17
C TRP C 242 -19.33 6.09 1.74
N ASP C 243 -18.44 5.15 1.42
CA ASP C 243 -17.87 5.10 0.07
C ASP C 243 -18.95 4.89 -1.00
N ASN C 244 -19.89 3.97 -0.74
CA ASN C 244 -21.02 3.77 -1.64
C ASN C 244 -21.89 5.01 -1.73
N PHE C 245 -22.19 5.64 -0.60
CA PHE C 245 -22.98 6.86 -0.59
C PHE C 245 -22.37 7.94 -1.48
N VAL C 246 -21.09 8.22 -1.26
CA VAL C 246 -20.45 9.34 -1.99
C VAL C 246 -20.38 9.12 -3.51
N GLU C 247 -20.15 7.87 -3.94
CA GLU C 247 -20.18 7.55 -5.37
C GLU C 247 -21.56 7.82 -5.99
N ASN C 248 -22.61 7.34 -5.33
CA ASN C 248 -23.98 7.57 -5.80
C ASN C 248 -24.40 9.04 -5.68
N PHE C 249 -23.92 9.72 -4.65
CA PHE C 249 -24.12 11.17 -4.44
C PHE C 249 -23.52 11.98 -5.60
N LYS C 250 -22.29 11.65 -5.99
CA LYS C 250 -21.64 12.32 -7.12
C LYS C 250 -22.42 12.18 -8.42
N THR C 251 -22.90 10.96 -8.70
CA THR C 251 -23.73 10.68 -9.87
C THR C 251 -25.02 11.48 -9.83
N LEU C 252 -25.68 11.49 -8.67
CA LEU C 252 -26.91 12.25 -8.46
C LEU C 252 -26.74 13.72 -8.75
N ILE C 253 -25.61 14.28 -8.30
CA ILE C 253 -25.31 15.70 -8.54
C ILE C 253 -25.31 15.99 -10.03
N VAL C 254 -24.68 15.11 -10.80
CA VAL C 254 -24.57 15.29 -12.26
C VAL C 254 -25.93 15.17 -12.92
N GLU C 255 -26.69 14.13 -12.58
CA GLU C 255 -27.99 13.90 -13.24
C GLU C 255 -29.09 14.89 -12.82
N GLN C 256 -29.00 15.45 -11.61
CA GLN C 256 -29.89 16.55 -11.19
C GLN C 256 -29.34 17.94 -11.53
N GLU C 257 -28.23 18.01 -12.25
CA GLU C 257 -27.61 19.27 -12.70
C GLU C 257 -27.35 20.25 -11.55
N MET C 258 -26.71 19.73 -10.51
CA MET C 258 -26.41 20.51 -9.31
C MET C 258 -24.93 20.86 -9.17
N GLU C 259 -24.15 20.73 -10.25
CA GLU C 259 -22.71 20.93 -10.17
C GLU C 259 -22.32 22.39 -9.86
N ASP C 260 -23.18 23.33 -10.24
CA ASP C 260 -22.92 24.76 -9.99
C ASP C 260 -23.53 25.29 -8.69
N VAL C 261 -24.20 24.43 -7.92
CA VAL C 261 -24.72 24.79 -6.60
C VAL C 261 -23.70 24.26 -5.59
N THR C 262 -23.31 25.10 -4.64
CA THR C 262 -22.43 24.61 -3.57
C THR C 262 -23.29 23.88 -2.51
N LEU C 263 -22.71 22.83 -1.92
CA LEU C 263 -23.40 21.97 -0.98
C LEU C 263 -22.56 21.82 0.27
N ASN C 264 -23.23 21.55 1.40
CA ASN C 264 -22.51 21.12 2.59
C ASN C 264 -23.28 20.08 3.37
N PHE C 265 -22.53 19.23 4.06
CA PHE C 265 -23.04 18.40 5.14
C PHE C 265 -22.63 19.04 6.47
N GLU C 266 -23.36 18.70 7.51
CA GLU C 266 -23.03 19.12 8.87
C GLU C 266 -23.18 17.87 9.75
N CYS C 267 -22.06 17.17 9.96
CA CYS C 267 -22.05 15.91 10.69
C CYS C 267 -21.30 16.03 12.00
N GLY C 268 -21.82 15.37 13.03
CA GLY C 268 -21.17 15.31 14.34
C GLY C 268 -20.87 13.86 14.65
N ARG C 269 -21.94 13.10 14.91
CA ARG C 269 -21.84 11.72 15.35
C ARG C 269 -20.88 10.87 14.51
N PHE C 270 -21.06 10.89 13.20
CA PHE C 270 -20.28 9.98 12.32
C PHE C 270 -18.80 10.43 12.18
N ILE C 271 -18.51 11.69 12.53
CA ILE C 271 -17.12 12.17 12.55
C ILE C 271 -16.33 11.66 13.75
N VAL C 272 -16.95 11.67 14.95
CA VAL C 272 -16.19 11.43 16.19
C VAL C 272 -16.59 10.22 17.02
N ALA C 273 -17.71 9.54 16.71
CA ALA C 273 -18.21 8.48 17.61
C ALA C 273 -17.16 7.39 17.85
N HIS C 274 -16.55 6.92 16.77
CA HIS C 274 -15.72 5.71 16.83
C HIS C 274 -14.31 5.88 17.40
N ILE C 275 -13.88 7.12 17.61
CA ILE C 275 -12.52 7.40 18.10
C ILE C 275 -12.45 7.75 19.59
N GLY C 276 -13.58 7.65 20.28
CA GLY C 276 -13.68 7.91 21.71
C GLY C 276 -14.04 6.64 22.49
N TYR C 277 -13.46 6.52 23.68
CA TYR C 277 -13.68 5.39 24.58
C TYR C 277 -13.91 5.94 25.99
N TYR C 278 -14.88 5.37 26.71
CA TYR C 278 -15.08 5.66 28.12
C TYR C 278 -14.71 4.39 28.88
N VAL C 279 -13.70 4.53 29.75
CA VAL C 279 -13.00 3.40 30.32
C VAL C 279 -13.06 3.52 31.84
N THR C 280 -13.53 2.48 32.50
CA THR C 280 -13.80 2.53 33.92
C THR C 280 -13.62 1.19 34.64
N GLU C 281 -13.12 1.26 35.85
CA GLU C 281 -12.86 0.03 36.64
C GLU C 281 -14.11 -0.47 37.39
N VAL C 282 -14.17 -1.78 37.59
CA VAL C 282 -15.24 -2.42 38.37
C VAL C 282 -14.94 -2.24 39.87
N LEU C 283 -15.87 -1.60 40.56
CA LEU C 283 -15.76 -1.35 42.02
C LEU C 283 -16.41 -2.45 42.84
N ASP C 284 -17.50 -3.01 42.34
CA ASP C 284 -18.28 -3.99 43.11
C ASP C 284 -19.05 -4.88 42.16
N ILE C 285 -19.30 -6.11 42.60
CA ILE C 285 -20.20 -7.02 41.91
C ILE C 285 -21.10 -7.61 42.99
N LYS C 286 -22.41 -7.64 42.73
CA LYS C 286 -23.36 -8.11 43.71
C LYS C 286 -24.58 -8.71 43.04
N LYS C 287 -25.25 -9.59 43.78
CA LYS C 287 -26.50 -10.19 43.31
C LYS C 287 -27.64 -9.68 44.20
N VAL C 288 -28.67 -9.13 43.57
CA VAL C 288 -29.83 -8.58 44.29
C VAL C 288 -31.12 -9.14 43.73
N HIS C 289 -31.84 -9.91 44.56
CA HIS C 289 -33.10 -10.52 44.15
C HIS C 289 -33.00 -11.28 42.81
N GLY C 290 -31.93 -12.06 42.67
CA GLY C 290 -31.72 -12.90 41.51
C GLY C 290 -31.13 -12.22 40.28
N ALA C 291 -30.63 -11.00 40.42
CA ALA C 291 -30.04 -10.26 39.29
C ALA C 291 -28.63 -9.80 39.65
N TRP C 292 -27.68 -9.98 38.73
CA TRP C 292 -26.29 -9.61 38.97
C TRP C 292 -26.03 -8.18 38.48
N TYR C 293 -25.28 -7.43 39.28
CA TYR C 293 -24.90 -6.04 38.99
C TYR C 293 -23.40 -5.88 39.11
N ALA C 294 -22.79 -5.12 38.20
CA ALA C 294 -21.42 -4.69 38.34
C ALA C 294 -21.44 -3.17 38.43
N ILE C 295 -20.87 -2.66 39.52
CA ILE C 295 -20.86 -1.25 39.83
C ILE C 295 -19.51 -0.71 39.39
N LEU C 296 -19.55 0.30 38.52
CA LEU C 296 -18.34 0.87 37.92
C LEU C 296 -18.03 2.25 38.46
N ARG C 297 -16.76 2.63 38.42
CA ARG C 297 -16.35 3.99 38.75
C ARG C 297 -16.93 4.94 37.68
N GLY C 298 -17.31 6.14 38.10
CA GLY C 298 -17.97 7.09 37.23
C GLY C 298 -19.45 6.82 37.18
N GLY C 299 -20.04 6.92 36.00
CA GLY C 299 -21.49 6.77 35.86
C GLY C 299 -22.06 7.43 34.62
N THR C 300 -23.37 7.33 34.48
CA THR C 300 -24.05 7.87 33.31
C THR C 300 -24.23 9.40 33.37
N GLN C 301 -23.82 10.02 34.48
CA GLN C 301 -23.68 11.48 34.52
C GLN C 301 -22.37 11.93 33.88
N GLN C 302 -21.47 10.99 33.60
CA GLN C 302 -20.28 11.24 32.79
C GLN C 302 -20.41 10.70 31.35
N PHE C 303 -21.27 9.69 31.18
CA PHE C 303 -21.50 9.07 29.88
C PHE C 303 -22.98 8.69 29.78
N ARG C 304 -23.82 9.66 29.39
CA ARG C 304 -25.28 9.50 29.44
C ARG C 304 -25.88 8.83 28.20
N LEU C 305 -25.10 8.68 27.14
CA LEU C 305 -25.57 8.09 25.89
C LEU C 305 -26.43 6.81 26.04
N PRO C 306 -25.97 5.80 26.80
CA PRO C 306 -26.82 4.59 26.92
C PRO C 306 -28.21 4.81 27.55
N VAL C 307 -28.31 5.80 28.44
CA VAL C 307 -29.59 6.11 29.10
C VAL C 307 -30.48 6.92 28.17
N SER C 308 -29.91 7.92 27.53
CA SER C 308 -30.65 8.74 26.58
C SER C 308 -31.23 7.89 25.43
N TRP C 309 -30.43 6.95 24.93
CA TRP C 309 -30.84 6.08 23.81
C TRP C 309 -31.49 4.77 24.25
N GLN C 310 -31.48 4.49 25.56
CA GLN C 310 -32.11 3.28 26.13
C GLN C 310 -31.61 2.02 25.43
N HIS C 311 -30.29 1.88 25.36
CA HIS C 311 -29.66 0.72 24.77
C HIS C 311 -28.54 0.21 25.64
N ASN C 312 -28.11 -1.01 25.33
CA ASN C 312 -26.94 -1.60 25.94
C ASN C 312 -25.74 -1.14 25.16
N HIS C 313 -24.92 -0.31 25.77
CA HIS C 313 -23.80 0.28 25.05
C HIS C 313 -22.71 -0.75 24.85
N PRO C 314 -22.11 -0.79 23.65
CA PRO C 314 -21.08 -1.80 23.40
C PRO C 314 -19.84 -1.62 24.25
N PHE C 315 -19.33 -2.72 24.78
CA PHE C 315 -18.12 -2.69 25.58
C PHE C 315 -17.27 -3.96 25.41
N GLU C 316 -16.02 -3.85 25.86
CA GLU C 316 -15.14 -5.00 26.03
C GLU C 316 -14.63 -4.99 27.45
N ILE C 317 -14.26 -6.17 27.96
CA ILE C 317 -13.72 -6.30 29.30
C ILE C 317 -12.22 -6.54 29.25
N TYR C 318 -11.45 -5.68 29.92
CA TYR C 318 -10.02 -5.90 30.14
C TYR C 318 -9.89 -6.64 31.47
N ARG C 319 -9.37 -7.87 31.42
CA ARG C 319 -9.25 -8.72 32.62
C ARG C 319 -7.90 -8.53 33.28
N TYR C 320 -7.93 -8.02 34.51
CA TYR C 320 -6.72 -7.65 35.25
C TYR C 320 -6.34 -8.79 36.19
N LYS C 321 -5.06 -9.15 36.20
CA LYS C 321 -4.56 -10.30 36.97
C LYS C 321 -4.36 -10.03 38.46
N ASP C 322 -3.82 -8.86 38.79
CA ASP C 322 -3.44 -8.53 40.17
C ASP C 322 -4.64 -8.29 41.10
N ASN C 323 -4.42 -8.55 42.39
CA ASN C 323 -5.37 -8.24 43.46
C ASN C 323 -4.68 -7.34 44.49
N PRO C 324 -5.10 -6.07 44.58
CA PRO C 324 -4.45 -5.18 45.54
C PRO C 324 -4.85 -5.37 47.01
N TYR C 325 -5.93 -6.12 47.27
CA TYR C 325 -6.43 -6.34 48.64
C TYR C 325 -5.99 -7.69 49.21
N SER C 326 -6.07 -7.81 50.53
CA SER C 326 -5.75 -9.08 51.20
C SER C 326 -6.89 -10.11 51.12
N PHE C 327 -8.08 -9.69 50.67
CA PHE C 327 -9.24 -10.56 50.54
C PHE C 327 -9.53 -10.83 49.06
N GLU C 328 -10.34 -11.86 48.80
CA GLU C 328 -10.63 -12.29 47.44
C GLU C 328 -11.45 -11.26 46.67
N LYS C 329 -11.26 -11.23 45.35
CA LYS C 329 -12.11 -10.43 44.45
C LYS C 329 -13.48 -11.08 44.41
N VAL C 330 -14.51 -10.30 44.06
CA VAL C 330 -15.78 -10.85 43.65
C VAL C 330 -15.65 -11.16 42.15
N SER C 331 -15.94 -12.39 41.76
CA SER C 331 -15.88 -12.82 40.37
C SER C 331 -17.11 -13.62 40.01
N ILE C 332 -17.64 -13.38 38.82
CA ILE C 332 -18.72 -14.18 38.27
C ILE C 332 -18.38 -14.64 36.87
N SER C 333 -19.04 -15.71 36.43
CA SER C 333 -18.87 -16.21 35.07
C SER C 333 -20.19 -16.67 34.48
N ARG C 334 -20.36 -16.37 33.19
CA ARG C 334 -21.52 -16.79 32.42
C ARG C 334 -22.84 -16.33 33.04
N GLN C 335 -22.88 -15.06 33.42
CA GLN C 335 -24.06 -14.45 34.03
C GLN C 335 -24.55 -13.29 33.19
N ASP C 336 -25.88 -13.17 33.05
CA ASP C 336 -26.51 -11.92 32.61
C ASP C 336 -26.22 -10.88 33.68
N THR C 337 -25.64 -9.75 33.28
CA THR C 337 -25.13 -8.77 34.24
C THR C 337 -25.59 -7.39 33.81
N THR C 338 -25.91 -6.56 34.80
CA THR C 338 -26.28 -5.18 34.54
C THR C 338 -25.14 -4.27 35.00
N LEU C 339 -24.67 -3.41 34.11
CA LEU C 339 -23.56 -2.50 34.41
C LEU C 339 -24.16 -1.15 34.82
N VAL C 340 -23.73 -0.68 35.98
CA VAL C 340 -24.19 0.57 36.56
C VAL C 340 -23.01 1.39 37.05
N GLY C 341 -23.27 2.65 37.34
CA GLY C 341 -22.24 3.54 37.88
C GLY C 341 -22.35 3.74 39.37
N GLN C 342 -21.79 4.86 39.83
CA GLN C 342 -21.78 5.20 41.25
C GLN C 342 -23.03 5.95 41.75
N LEU C 343 -23.95 6.28 40.85
CA LEU C 343 -25.07 7.17 41.22
C LEU C 343 -26.16 6.47 42.05
N CYS C 344 -26.98 7.28 42.69
CA CYS C 344 -27.98 6.80 43.63
C CYS C 344 -29.37 6.58 43.03
N THR C 345 -29.43 6.46 41.71
CA THR C 345 -30.67 6.28 40.97
C THR C 345 -30.63 4.95 40.21
N PRO C 346 -31.76 4.22 40.16
CA PRO C 346 -31.80 3.00 39.35
C PRO C 346 -31.67 3.24 37.83
N LYS C 347 -31.78 4.50 37.40
CA LYS C 347 -31.54 4.88 36.00
C LYS C 347 -30.08 4.89 35.55
N ASP C 348 -29.14 4.72 36.49
CA ASP C 348 -27.72 4.82 36.20
C ASP C 348 -27.21 3.50 35.58
N VAL C 349 -27.64 3.20 34.36
CA VAL C 349 -27.42 1.90 33.71
C VAL C 349 -26.74 2.08 32.35
N PHE C 350 -25.57 1.46 32.17
CA PHE C 350 -24.85 1.45 30.89
C PHE C 350 -25.33 0.31 29.98
N ALA C 351 -25.71 -0.80 30.59
CA ALA C 351 -26.15 -2.01 29.86
C ALA C 351 -26.91 -2.90 30.83
N ARG C 352 -28.00 -3.49 30.35
CA ARG C 352 -28.91 -4.27 31.20
C ARG C 352 -28.89 -5.74 30.79
N GLU C 353 -28.66 -6.62 31.75
CA GLU C 353 -28.75 -8.08 31.59
C GLU C 353 -28.00 -8.60 30.36
N VAL C 354 -26.73 -8.19 30.24
CA VAL C 354 -25.85 -8.60 29.15
C VAL C 354 -25.06 -9.82 29.62
N GLN C 355 -25.03 -10.86 28.79
CA GLN C 355 -24.27 -12.07 29.10
C GLN C 355 -22.79 -11.73 29.08
N ILE C 356 -22.12 -11.96 30.20
CA ILE C 356 -20.70 -11.73 30.36
C ILE C 356 -20.02 -13.06 30.66
N ASP C 357 -18.99 -13.39 29.89
CA ASP C 357 -18.19 -14.61 30.09
C ASP C 357 -17.55 -14.65 31.45
N ALA C 358 -16.85 -13.57 31.79
CA ALA C 358 -16.13 -13.47 33.05
C ALA C 358 -15.87 -12.01 33.42
N ILE C 359 -16.14 -11.68 34.68
CA ILE C 359 -15.88 -10.33 35.19
C ILE C 359 -15.59 -10.41 36.69
N SER C 360 -14.65 -9.59 37.14
CA SER C 360 -14.22 -9.51 38.53
C SER C 360 -14.06 -8.05 38.93
N THR C 361 -14.14 -7.80 40.23
CA THR C 361 -13.77 -6.50 40.78
C THR C 361 -12.32 -6.19 40.40
N GLY C 362 -12.07 -4.94 40.04
CA GLY C 362 -10.76 -4.53 39.53
C GLY C 362 -10.55 -4.65 38.03
N ASP C 363 -11.41 -5.39 37.32
CA ASP C 363 -11.38 -5.40 35.84
C ASP C 363 -11.77 -4.03 35.29
N VAL C 364 -11.47 -3.81 34.02
CA VAL C 364 -11.75 -2.52 33.38
C VAL C 364 -12.74 -2.74 32.26
N ILE C 365 -13.79 -1.92 32.23
CA ILE C 365 -14.78 -1.95 31.16
C ILE C 365 -14.41 -0.84 30.19
N VAL C 366 -14.31 -1.20 28.90
CA VAL C 366 -14.02 -0.22 27.84
C VAL C 366 -15.29 -0.05 27.03
N PHE C 367 -15.97 1.07 27.20
CA PHE C 367 -17.12 1.41 26.37
C PHE C 367 -16.62 2.01 25.06
N LYS C 368 -16.94 1.33 23.96
CA LYS C 368 -16.50 1.77 22.64
C LYS C 368 -17.49 2.74 22.06
N TYR C 369 -17.12 3.42 20.99
CA TYR C 369 -18.04 4.33 20.30
C TYR C 369 -18.63 5.38 21.25
N ALA C 370 -17.75 5.96 22.06
CA ALA C 370 -18.12 6.93 23.10
C ALA C 370 -17.72 8.38 22.77
N GLY C 371 -17.30 8.63 21.53
CA GLY C 371 -16.76 9.93 21.15
C GLY C 371 -17.79 11.02 20.87
N ALA C 372 -19.00 10.62 20.50
CA ALA C 372 -20.08 11.55 20.12
C ALA C 372 -21.21 11.48 21.12
N TYR C 373 -21.66 12.63 21.62
CA TYR C 373 -22.77 12.71 22.56
C TYR C 373 -22.54 11.78 23.76
N GLY C 374 -21.30 11.80 24.24
CA GLY C 374 -20.89 11.03 25.40
C GLY C 374 -20.79 12.02 26.53
N TRP C 375 -19.62 12.61 26.68
CA TRP C 375 -19.41 13.67 27.66
C TRP C 375 -20.31 14.88 27.40
N SER C 376 -20.52 15.19 26.11
CA SER C 376 -21.20 16.45 25.74
C SER C 376 -22.65 16.54 26.21
N ILE C 377 -23.34 15.40 26.36
CA ILE C 377 -24.76 15.40 26.77
C ILE C 377 -24.95 15.05 28.25
N SER C 378 -23.85 14.96 29.00
CA SER C 378 -23.89 14.35 30.31
C SER C 378 -24.02 15.39 31.43
N HIS C 379 -24.66 14.97 32.51
CA HIS C 379 -24.96 15.83 33.66
C HIS C 379 -23.78 15.73 34.66
N HIS C 380 -22.67 16.34 34.25
CA HIS C 380 -21.32 16.09 34.83
C HIS C 380 -21.23 16.18 36.33
N ASP C 381 -21.95 17.16 36.89
CA ASP C 381 -21.82 17.51 38.30
C ASP C 381 -22.94 17.00 39.20
N PHE C 382 -23.86 16.18 38.67
CA PHE C 382 -24.88 15.51 39.48
C PHE C 382 -24.20 14.59 40.50
N LEU C 383 -24.48 14.80 41.78
CA LEU C 383 -23.83 14.09 42.90
C LEU C 383 -22.36 14.46 43.11
N SER C 384 -21.87 15.49 42.41
CA SER C 384 -20.57 16.12 42.67
C SER C 384 -19.36 15.17 42.65
N HIS C 385 -19.34 14.23 41.70
CA HIS C 385 -18.18 13.36 41.53
C HIS C 385 -17.10 14.08 40.75
N PRO C 386 -15.82 13.77 41.02
CA PRO C 386 -14.77 14.35 40.17
C PRO C 386 -14.97 13.95 38.71
N HIS C 387 -14.64 14.86 37.80
CA HIS C 387 -14.72 14.58 36.37
C HIS C 387 -13.76 13.44 36.02
N PRO C 388 -14.09 12.67 34.97
CA PRO C 388 -13.10 11.71 34.48
C PRO C 388 -11.85 12.43 33.96
N GLU C 389 -10.76 11.69 33.81
CA GLU C 389 -9.54 12.22 33.21
C GLU C 389 -9.68 12.07 31.69
N PHE C 390 -9.09 12.99 30.94
CA PHE C 390 -9.16 12.99 29.49
C PHE C 390 -7.77 12.75 28.90
N ILE C 391 -7.65 11.72 28.06
CA ILE C 391 -6.38 11.40 27.39
C ILE C 391 -6.59 11.48 25.88
N TYR C 392 -5.80 12.32 25.22
CA TYR C 392 -5.86 12.49 23.77
C TYR C 392 -4.60 11.90 23.15
N LEU C 393 -4.74 10.76 22.46
CA LEU C 393 -3.59 10.02 21.94
C LEU C 393 -3.19 10.53 20.55
N THR C 394 -1.90 10.87 20.39
CA THR C 394 -1.34 11.32 19.10
C THR C 394 -0.36 10.30 18.53
#